data_1RVY
#
_entry.id   1RVY
#
_cell.length_a   114.700
_cell.length_b   114.700
_cell.length_c   156.370
_cell.angle_alpha   90.00
_cell.angle_beta   90.00
_cell.angle_gamma   90.00
#
_symmetry.space_group_name_H-M   'P 41 21 2'
#
loop_
_entity.id
_entity.type
_entity.pdbx_description
1 polymer 'Serine hydroxymethyltransferase, cytosolic'
2 non-polymer N-GLYCINE-[3-HYDROXY-2-METHYL-5-PHOSPHONOOXYMETHYL-PYRIDIN-4-YL-METHANE]
3 non-polymer 'PHOSPHATE ION'
4 non-polymer "PYRIDOXAL-5'-PHOSPHATE"
5 water water
#
_entity_poly.entity_id   1
_entity_poly.type   'polypeptide(L)'
_entity_poly.pdbx_seq_one_letter_code
;ATAVNGAPRDAALWSSHEQMLAQPLKDSDAEVYDIIKKESNRQRVGLELIASENFASRAVLEALGSCLNNKYSQGYPGQR
YYGGTEHIDELETLCQKRALQAYGLDPQCWGVNVQPYSGSPANFAVYTALVEPHGRIMGLDLPDGGHLTHGFMTDKKKIS
ATSIFFESMAYKVNPDTGYIDYDRLEENARLFHPKLIIAGTSCYSRNLDYGRLRKIADENGAYLMADMAHISGLVVAGVV
PSPFEHCHVVTTTTHKTLRGCRAGMIFYRRGVRSVDPKTGKEILYNLESLINSAVFPGLQGGPHNHAIAGVAVALKQAMT
PEFKEYQRQVVANCRALSAALVELGYKIVTGGSDNHLILVDLRSKGTDGGRAEKVLEACSIACNKNTCPGDKSALRPSGL
RLGTPALTSRGLLEKDFQKVAHFIHRGIELTVQIQDDTGPRATLKEFKEKLAGDEKHQRAVRALRQEVESFAALFPLPGL
PGF
;
_entity_poly.pdbx_strand_id   A,B
#
# COMPACT_ATOMS: atom_id res chain seq x y z
N TRP A 14 11.74 -3.45 -29.56
CA TRP A 14 13.15 -3.64 -30.04
C TRP A 14 13.61 -5.09 -29.96
N SER A 15 14.61 -5.39 -30.77
CA SER A 15 15.22 -6.70 -30.84
C SER A 15 15.37 -7.25 -29.42
N SER A 16 15.96 -6.44 -28.55
CA SER A 16 16.19 -6.83 -27.16
C SER A 16 15.12 -6.41 -26.16
N HIS A 17 14.46 -5.28 -26.43
CA HIS A 17 13.45 -4.79 -25.51
C HIS A 17 12.48 -5.87 -25.08
N GLU A 18 12.13 -6.78 -25.98
CA GLU A 18 11.22 -7.84 -25.59
C GLU A 18 11.87 -8.73 -24.54
N GLN A 19 12.86 -9.50 -24.94
CA GLN A 19 13.56 -10.41 -24.05
C GLN A 19 13.75 -9.83 -22.63
N MET A 20 14.01 -8.53 -22.53
CA MET A 20 14.20 -7.87 -21.24
C MET A 20 12.96 -8.10 -20.37
N LEU A 21 11.80 -7.71 -20.87
CA LEU A 21 10.55 -7.85 -20.15
C LEU A 21 10.14 -9.29 -19.81
N ALA A 22 10.74 -10.27 -20.47
CA ALA A 22 10.35 -11.65 -20.19
C ALA A 22 11.46 -12.43 -19.52
N GLN A 23 12.58 -11.76 -19.33
CA GLN A 23 13.75 -12.36 -18.69
C GLN A 23 13.55 -12.62 -17.19
N PRO A 24 14.29 -13.60 -16.65
CA PRO A 24 14.10 -13.85 -15.22
C PRO A 24 14.83 -12.85 -14.34
N LEU A 25 14.40 -12.78 -13.09
CA LEU A 25 14.99 -11.84 -12.14
C LEU A 25 16.45 -12.19 -11.90
N LYS A 26 16.73 -13.48 -11.79
CA LYS A 26 18.09 -13.94 -11.53
C LYS A 26 19.10 -13.42 -12.56
N ASP A 27 18.66 -13.31 -13.81
CA ASP A 27 19.52 -12.84 -14.88
C ASP A 27 19.43 -11.32 -15.03
N SER A 28 18.20 -10.82 -15.08
CA SER A 28 17.94 -9.41 -15.26
C SER A 28 18.57 -8.51 -14.21
N ASP A 29 18.61 -8.96 -12.96
CA ASP A 29 19.17 -8.14 -11.90
C ASP A 29 19.77 -9.01 -10.79
N ALA A 30 21.06 -9.29 -10.89
CA ALA A 30 21.75 -10.12 -9.92
C ALA A 30 21.89 -9.49 -8.54
N GLU A 31 22.08 -8.18 -8.50
CA GLU A 31 22.26 -7.49 -7.23
C GLU A 31 21.03 -7.62 -6.33
N VAL A 32 19.84 -7.47 -6.91
CA VAL A 32 18.61 -7.60 -6.14
C VAL A 32 18.43 -9.06 -5.77
N TYR A 33 18.58 -9.92 -6.77
CA TYR A 33 18.44 -11.36 -6.58
C TYR A 33 19.35 -11.85 -5.44
N ASP A 34 20.61 -11.40 -5.45
CA ASP A 34 21.57 -11.80 -4.42
C ASP A 34 21.05 -11.39 -3.04
N ILE A 35 20.46 -10.21 -2.96
CA ILE A 35 19.93 -9.72 -1.70
C ILE A 35 18.82 -10.66 -1.23
N ILE A 36 17.83 -10.89 -2.09
CA ILE A 36 16.72 -11.77 -1.75
C ILE A 36 17.22 -13.10 -1.21
N LYS A 37 18.27 -13.63 -1.84
CA LYS A 37 18.88 -14.88 -1.43
C LYS A 37 19.38 -14.75 0.01
N LYS A 38 20.31 -13.82 0.24
CA LYS A 38 20.86 -13.61 1.57
C LYS A 38 19.79 -13.44 2.63
N GLU A 39 18.69 -12.78 2.27
CA GLU A 39 17.60 -12.58 3.21
C GLU A 39 16.92 -13.92 3.48
N SER A 40 16.61 -14.64 2.41
CA SER A 40 15.97 -15.94 2.56
C SER A 40 16.77 -16.82 3.49
N ASN A 41 18.08 -16.76 3.34
CA ASN A 41 18.97 -17.57 4.15
C ASN A 41 19.03 -17.08 5.60
N ARG A 42 18.92 -15.76 5.81
CA ARG A 42 18.97 -15.24 7.17
C ARG A 42 17.71 -15.75 7.89
N GLN A 43 16.58 -15.60 7.21
CA GLN A 43 15.32 -16.05 7.76
C GLN A 43 15.35 -17.51 8.15
N ARG A 44 16.17 -18.28 7.45
CA ARG A 44 16.26 -19.70 7.70
C ARG A 44 16.99 -20.04 8.98
N VAL A 45 18.23 -19.61 9.09
CA VAL A 45 19.04 -19.94 10.26
C VAL A 45 18.72 -19.17 11.53
N GLY A 46 17.87 -18.15 11.45
CA GLY A 46 17.53 -17.42 12.65
C GLY A 46 16.27 -17.92 13.33
N LEU A 47 16.03 -17.49 14.56
CA LEU A 47 14.83 -17.89 15.30
C LEU A 47 13.91 -16.68 15.43
N GLU A 48 12.85 -16.65 14.63
CA GLU A 48 11.90 -15.53 14.63
C GLU A 48 10.90 -15.57 15.77
N LEU A 49 11.06 -14.65 16.71
CA LEU A 49 10.17 -14.56 17.84
C LEU A 49 9.48 -13.21 17.91
N ILE A 50 9.58 -12.44 16.83
CA ILE A 50 8.91 -11.15 16.79
C ILE A 50 7.42 -11.39 16.56
N ALA A 51 6.61 -11.03 17.54
CA ALA A 51 5.17 -11.23 17.50
C ALA A 51 4.45 -10.96 16.19
N SER A 52 4.86 -9.92 15.48
CA SER A 52 4.18 -9.56 14.24
C SER A 52 4.65 -10.28 12.99
N GLU A 53 5.67 -11.11 13.14
CA GLU A 53 6.23 -11.83 12.00
C GLU A 53 5.56 -13.17 11.72
N ASN A 54 5.71 -13.63 10.48
CA ASN A 54 5.22 -14.94 10.06
C ASN A 54 5.78 -15.23 8.67
N PHE A 55 5.31 -16.31 8.06
CA PHE A 55 5.79 -16.72 6.75
C PHE A 55 4.62 -17.02 5.83
N ALA A 56 4.51 -16.31 4.72
CA ALA A 56 3.42 -16.53 3.80
C ALA A 56 3.66 -17.81 3.01
N SER A 57 2.60 -18.57 2.75
CA SER A 57 2.73 -19.81 2.00
C SER A 57 3.16 -19.50 0.58
N ARG A 58 3.52 -20.54 -0.16
CA ARG A 58 3.95 -20.39 -1.53
C ARG A 58 2.81 -19.95 -2.43
N ALA A 59 1.61 -20.45 -2.14
CA ALA A 59 0.44 -20.10 -2.94
C ALA A 59 0.19 -18.59 -2.89
N VAL A 60 0.15 -18.03 -1.68
CA VAL A 60 -0.04 -16.60 -1.50
C VAL A 60 1.04 -15.84 -2.27
N LEU A 61 2.30 -16.21 -2.06
CA LEU A 61 3.39 -15.54 -2.77
C LEU A 61 3.28 -15.60 -4.29
N GLU A 62 2.81 -16.72 -4.84
CA GLU A 62 2.69 -16.85 -6.29
C GLU A 62 1.68 -15.87 -6.83
N ALA A 63 0.62 -15.61 -6.08
CA ALA A 63 -0.42 -14.66 -6.50
C ALA A 63 0.11 -13.26 -6.70
N LEU A 64 0.93 -12.78 -5.78
CA LEU A 64 1.49 -11.43 -5.89
C LEU A 64 2.21 -11.21 -7.21
N GLY A 65 2.72 -12.28 -7.81
CA GLY A 65 3.44 -12.13 -9.06
C GLY A 65 2.58 -12.17 -10.32
N SER A 66 1.31 -12.49 -10.17
CA SER A 66 0.40 -12.57 -11.31
C SER A 66 0.27 -11.28 -12.12
N CYS A 67 -0.44 -11.37 -13.23
CA CYS A 67 -0.67 -10.23 -14.11
C CYS A 67 -1.70 -9.30 -13.49
N LEU A 68 -2.19 -9.66 -12.32
CA LEU A 68 -3.16 -8.85 -11.63
C LEU A 68 -2.55 -7.51 -11.27
N ASN A 69 -1.24 -7.38 -11.40
CA ASN A 69 -0.57 -6.12 -11.12
C ASN A 69 -0.91 -5.05 -12.15
N ASN A 70 -1.15 -5.48 -13.38
CA ASN A 70 -1.42 -4.57 -14.49
C ASN A 70 -2.74 -3.79 -14.50
N LYS A 71 -3.84 -4.46 -14.20
CA LYS A 71 -5.14 -3.80 -14.25
C LYS A 71 -5.43 -2.75 -13.18
N TYR A 72 -5.92 -1.60 -13.66
CA TYR A 72 -6.32 -0.48 -12.82
C TYR A 72 -7.81 -0.71 -12.67
N SER A 73 -8.32 -0.64 -11.44
CA SER A 73 -9.75 -0.85 -11.21
C SER A 73 -10.30 0.04 -10.10
N GLN A 74 -9.93 1.33 -10.10
CA GLN A 74 -10.41 2.25 -9.08
C GLN A 74 -11.91 2.12 -9.03
N GLY A 75 -12.45 2.06 -7.80
CA GLY A 75 -13.87 1.93 -7.64
C GLY A 75 -14.17 0.61 -6.95
N TYR A 76 -15.36 0.09 -7.21
CA TYR A 76 -15.77 -1.17 -6.59
C TYR A 76 -16.56 -2.01 -7.58
N PRO A 77 -16.67 -3.32 -7.33
CA PRO A 77 -17.41 -4.21 -8.22
C PRO A 77 -18.79 -3.64 -8.47
N GLY A 78 -19.07 -3.31 -9.74
CA GLY A 78 -20.35 -2.73 -10.08
C GLY A 78 -20.27 -1.23 -10.11
N GLN A 79 -19.14 -0.69 -9.65
CA GLN A 79 -18.90 0.76 -9.61
C GLN A 79 -17.46 1.10 -9.96
N ARG A 80 -16.97 0.57 -11.09
CA ARG A 80 -15.60 0.84 -11.53
C ARG A 80 -15.57 2.03 -12.49
N TYR A 81 -14.47 2.77 -12.46
CA TYR A 81 -14.31 3.91 -13.34
C TYR A 81 -14.05 3.42 -14.76
N TYR A 82 -13.23 2.38 -14.87
CA TYR A 82 -12.87 1.81 -16.15
C TYR A 82 -13.58 0.49 -16.41
N GLY A 83 -13.63 0.08 -17.67
CA GLY A 83 -14.26 -1.19 -18.02
C GLY A 83 -13.20 -2.28 -18.05
N GLY A 84 -13.57 -3.44 -18.57
CA GLY A 84 -12.63 -4.54 -18.63
C GLY A 84 -12.26 -5.09 -17.26
N THR A 85 -13.11 -4.83 -16.27
CA THR A 85 -12.84 -5.32 -14.91
C THR A 85 -13.58 -6.61 -14.61
N GLU A 86 -14.08 -7.26 -15.66
CA GLU A 86 -14.81 -8.52 -15.50
C GLU A 86 -14.19 -9.50 -14.50
N HIS A 87 -12.88 -9.71 -14.60
CA HIS A 87 -12.21 -10.65 -13.70
C HIS A 87 -11.82 -10.06 -12.37
N ILE A 88 -11.33 -8.82 -12.36
CA ILE A 88 -10.98 -8.19 -11.10
C ILE A 88 -12.23 -8.27 -10.21
N ASP A 89 -13.40 -8.12 -10.84
CA ASP A 89 -14.65 -8.18 -10.11
C ASP A 89 -14.86 -9.57 -9.54
N GLU A 90 -14.60 -10.59 -10.34
CA GLU A 90 -14.76 -11.95 -9.83
C GLU A 90 -13.87 -12.07 -8.61
N LEU A 91 -12.66 -11.54 -8.70
CA LEU A 91 -11.69 -11.60 -7.63
C LEU A 91 -12.11 -10.87 -6.36
N GLU A 92 -12.24 -9.55 -6.44
CA GLU A 92 -12.61 -8.77 -5.27
C GLU A 92 -13.82 -9.40 -4.60
N THR A 93 -14.85 -9.69 -5.38
CA THR A 93 -16.05 -10.30 -4.85
C THR A 93 -15.73 -11.61 -4.14
N LEU A 94 -15.01 -12.51 -4.82
CA LEU A 94 -14.64 -13.78 -4.21
C LEU A 94 -13.93 -13.52 -2.89
N CYS A 95 -13.03 -12.54 -2.90
CA CYS A 95 -12.27 -12.21 -1.71
C CYS A 95 -13.16 -11.82 -0.55
N GLN A 96 -14.20 -11.05 -0.82
CA GLN A 96 -15.12 -10.63 0.22
C GLN A 96 -15.93 -11.83 0.72
N LYS A 97 -16.36 -12.69 -0.20
CA LYS A 97 -17.14 -13.85 0.20
C LYS A 97 -16.31 -14.68 1.16
N ARG A 98 -15.02 -14.85 0.88
CA ARG A 98 -14.16 -15.63 1.75
C ARG A 98 -13.83 -14.91 3.06
N ALA A 99 -13.79 -13.58 3.04
CA ALA A 99 -13.49 -12.84 4.25
C ALA A 99 -14.65 -12.93 5.26
N LEU A 100 -15.89 -12.82 4.77
CA LEU A 100 -17.04 -12.92 5.66
C LEU A 100 -17.18 -14.38 6.09
N GLN A 101 -16.97 -15.28 5.13
CA GLN A 101 -17.07 -16.73 5.37
C GLN A 101 -16.11 -17.19 6.46
N ALA A 102 -14.83 -16.87 6.28
CA ALA A 102 -13.82 -17.28 7.24
C ALA A 102 -14.15 -16.90 8.67
N TYR A 103 -14.86 -15.79 8.85
CA TYR A 103 -15.20 -15.34 10.19
C TYR A 103 -16.63 -15.68 10.57
N GLY A 104 -17.25 -16.55 9.77
CA GLY A 104 -18.62 -16.97 10.02
C GLY A 104 -19.57 -15.81 10.14
N LEU A 105 -19.39 -14.81 9.30
CA LEU A 105 -20.22 -13.62 9.32
C LEU A 105 -21.37 -13.74 8.34
N ASP A 106 -22.55 -13.25 8.74
CA ASP A 106 -23.71 -13.30 7.86
C ASP A 106 -23.67 -12.08 6.95
N PRO A 107 -23.55 -12.32 5.64
CA PRO A 107 -23.48 -11.23 4.66
C PRO A 107 -24.61 -10.20 4.77
N GLN A 108 -25.58 -10.46 5.64
CA GLN A 108 -26.68 -9.52 5.82
C GLN A 108 -26.47 -8.67 7.06
N CYS A 109 -25.43 -8.99 7.83
CA CYS A 109 -25.14 -8.24 9.04
C CYS A 109 -23.75 -7.66 8.95
N TRP A 110 -22.98 -8.12 7.97
CA TRP A 110 -21.63 -7.63 7.78
C TRP A 110 -21.23 -7.46 6.31
N GLY A 111 -20.38 -6.45 6.08
CA GLY A 111 -19.85 -6.17 4.77
C GLY A 111 -18.34 -6.10 4.98
N VAL A 112 -17.55 -6.02 3.93
CA VAL A 112 -16.11 -5.95 4.13
C VAL A 112 -15.40 -5.29 2.96
N ASN A 113 -14.47 -4.42 3.27
CA ASN A 113 -13.70 -3.75 2.23
C ASN A 113 -12.34 -4.45 2.20
N VAL A 114 -11.96 -4.92 1.02
CA VAL A 114 -10.69 -5.63 0.90
C VAL A 114 -9.64 -4.85 0.12
N GLN A 115 -9.82 -3.53 0.03
CA GLN A 115 -8.88 -2.69 -0.70
C GLN A 115 -7.73 -2.04 0.07
N PRO A 116 -7.83 -1.92 1.40
CA PRO A 116 -6.71 -1.29 2.12
C PRO A 116 -5.35 -1.82 1.68
N TYR A 117 -4.36 -0.94 1.60
CA TYR A 117 -3.03 -1.33 1.19
C TYR A 117 -2.27 -2.01 2.31
N SER A 118 -2.66 -1.74 3.54
CA SER A 118 -1.98 -2.32 4.67
C SER A 118 -2.79 -2.05 5.95
N GLY A 119 -2.24 -2.44 7.09
CA GLY A 119 -2.95 -2.24 8.33
C GLY A 119 -3.23 -0.79 8.68
N SER A 120 -2.18 0.00 8.78
CA SER A 120 -2.34 1.40 9.12
C SER A 120 -3.36 2.08 8.22
N PRO A 121 -3.27 1.87 6.90
CA PRO A 121 -4.23 2.51 5.98
C PRO A 121 -5.68 2.15 6.30
N ALA A 122 -5.92 0.89 6.67
CA ALA A 122 -7.28 0.45 7.00
C ALA A 122 -7.84 1.29 8.13
N ASN A 123 -7.08 1.43 9.20
CA ASN A 123 -7.52 2.23 10.35
C ASN A 123 -7.85 3.67 9.94
N PHE A 124 -6.93 4.29 9.22
CA PHE A 124 -7.13 5.66 8.80
C PHE A 124 -8.38 5.83 7.95
N ALA A 125 -8.63 4.86 7.09
CA ALA A 125 -9.80 4.93 6.24
C ALA A 125 -11.02 5.04 7.13
N VAL A 126 -11.08 4.20 8.16
CA VAL A 126 -12.20 4.19 9.10
C VAL A 126 -12.33 5.50 9.85
N TYR A 127 -11.23 6.01 10.37
CA TYR A 127 -11.27 7.27 11.09
C TYR A 127 -11.83 8.35 10.15
N THR A 128 -11.31 8.38 8.93
CA THR A 128 -11.73 9.35 7.94
C THR A 128 -13.19 9.25 7.57
N ALA A 129 -13.77 8.07 7.77
CA ALA A 129 -15.18 7.83 7.43
C ALA A 129 -16.16 8.04 8.56
N LEU A 130 -15.78 7.63 9.76
CA LEU A 130 -16.67 7.74 10.90
C LEU A 130 -16.40 8.87 11.91
N VAL A 131 -15.13 9.27 12.01
CA VAL A 131 -14.74 10.31 12.95
C VAL A 131 -14.80 11.70 12.36
N GLU A 132 -13.95 11.94 11.38
CA GLU A 132 -13.84 13.23 10.70
C GLU A 132 -12.85 14.13 11.42
N PRO A 133 -12.28 15.09 10.68
CA PRO A 133 -11.31 16.03 11.24
C PRO A 133 -11.59 16.49 12.65
N HIS A 134 -10.62 16.24 13.53
CA HIS A 134 -10.67 16.63 14.94
C HIS A 134 -11.67 15.86 15.80
N GLY A 135 -12.29 14.83 15.22
CA GLY A 135 -13.22 14.00 15.98
C GLY A 135 -12.41 13.32 17.07
N ARG A 136 -13.03 13.02 18.20
CA ARG A 136 -12.27 12.40 19.26
C ARG A 136 -12.17 10.88 19.17
N ILE A 137 -10.99 10.35 19.52
CA ILE A 137 -10.73 8.93 19.45
C ILE A 137 -9.95 8.48 20.68
N MET A 138 -10.32 7.34 21.23
CA MET A 138 -9.60 6.83 22.40
C MET A 138 -9.07 5.43 22.10
N GLY A 139 -7.86 5.16 22.56
CA GLY A 139 -7.26 3.86 22.34
C GLY A 139 -6.25 3.51 23.40
N LEU A 140 -5.79 2.27 23.41
CA LEU A 140 -4.80 1.84 24.38
C LEU A 140 -3.52 2.67 24.27
N ASP A 141 -3.08 3.23 25.40
CA ASP A 141 -1.89 4.04 25.42
C ASP A 141 -0.68 3.19 25.00
N LEU A 142 0.15 3.73 24.11
CA LEU A 142 1.32 3.01 23.63
C LEU A 142 2.14 2.23 24.64
N PRO A 143 2.76 2.93 25.61
CA PRO A 143 3.56 2.23 26.62
C PRO A 143 2.83 1.12 27.38
N ASP A 144 1.51 1.05 27.22
CA ASP A 144 0.71 0.03 27.86
C ASP A 144 0.37 -1.08 26.87
N GLY A 145 0.88 -0.94 25.65
CA GLY A 145 0.66 -1.96 24.63
C GLY A 145 -0.22 -1.58 23.44
N GLY A 146 -0.43 -0.29 23.22
CA GLY A 146 -1.26 0.12 22.09
C GLY A 146 -0.48 0.37 20.81
N HIS A 147 -1.20 0.64 19.72
CA HIS A 147 -0.54 0.90 18.44
C HIS A 147 -0.57 2.38 18.05
N LEU A 148 0.48 2.83 17.36
CA LEU A 148 0.55 4.23 16.90
C LEU A 148 -0.77 4.68 16.29
N THR A 149 -1.26 3.91 15.33
CA THR A 149 -2.50 4.23 14.64
C THR A 149 -3.71 4.43 15.54
N HIS A 150 -3.56 4.10 16.82
CA HIS A 150 -4.64 4.26 17.79
C HIS A 150 -4.44 5.56 18.53
N GLY A 151 -3.41 6.29 18.14
CA GLY A 151 -3.11 7.56 18.76
C GLY A 151 -1.73 7.60 19.38
N PHE A 152 -1.01 8.67 19.11
CA PHE A 152 0.32 8.84 19.67
C PHE A 152 0.82 10.28 19.62
N MET A 153 0.78 10.94 20.77
CA MET A 153 1.20 12.33 20.90
C MET A 153 1.82 12.57 22.27
N THR A 154 2.52 13.69 22.41
CA THR A 154 3.13 14.07 23.68
C THR A 154 2.45 15.35 24.09
N ASP A 155 2.95 15.98 25.14
CA ASP A 155 2.38 17.23 25.62
C ASP A 155 2.75 18.38 24.71
N LYS A 156 3.67 18.13 23.78
CA LYS A 156 4.09 19.19 22.87
C LYS A 156 3.96 18.92 21.36
N LYS A 157 3.74 17.67 20.97
CA LYS A 157 3.62 17.37 19.56
C LYS A 157 2.73 16.17 19.24
N LYS A 158 2.06 16.25 18.09
CA LYS A 158 1.20 15.17 17.62
C LYS A 158 2.02 14.40 16.58
N ILE A 159 2.42 13.17 16.88
CA ILE A 159 3.25 12.38 15.94
C ILE A 159 2.50 11.52 14.94
N SER A 160 1.59 10.69 15.44
CA SER A 160 0.81 9.80 14.58
C SER A 160 -0.17 10.55 13.68
N ALA A 161 -0.41 10.04 12.49
CA ALA A 161 -1.34 10.69 11.59
C ALA A 161 -2.65 10.81 12.33
N THR A 162 -3.00 9.76 13.07
CA THR A 162 -4.24 9.71 13.82
C THR A 162 -4.30 10.90 14.77
N SER A 163 -3.21 11.11 15.51
CA SER A 163 -3.15 12.20 16.49
C SER A 163 -3.01 13.59 15.88
N ILE A 164 -2.86 13.67 14.56
CA ILE A 164 -2.70 14.95 13.90
C ILE A 164 -4.01 15.46 13.33
N PHE A 165 -4.66 14.63 12.55
CA PHE A 165 -5.91 14.98 11.92
C PHE A 165 -7.11 14.77 12.82
N PHE A 166 -6.89 14.08 13.93
CA PHE A 166 -7.97 13.80 14.87
C PHE A 166 -7.51 14.16 16.29
N GLU A 167 -8.43 14.08 17.25
CA GLU A 167 -8.13 14.39 18.65
C GLU A 167 -8.14 13.09 19.46
N SER A 168 -6.95 12.61 19.79
CA SER A 168 -6.81 11.37 20.52
C SER A 168 -6.40 11.49 21.97
N MET A 169 -6.93 10.59 22.78
CA MET A 169 -6.61 10.49 24.20
C MET A 169 -6.67 9.01 24.52
N ALA A 170 -5.58 8.48 25.04
CA ALA A 170 -5.50 7.07 25.36
C ALA A 170 -5.97 6.72 26.76
N TYR A 171 -6.24 5.44 26.97
CA TYR A 171 -6.63 4.94 28.26
C TYR A 171 -5.50 3.98 28.61
N LYS A 172 -5.20 3.85 29.89
CA LYS A 172 -4.12 2.97 30.33
C LYS A 172 -4.60 1.66 30.94
N VAL A 173 -3.64 0.87 31.41
CA VAL A 173 -3.92 -0.40 32.04
C VAL A 173 -3.46 -0.29 33.48
N ASN A 174 -4.07 -1.08 34.35
CA ASN A 174 -3.69 -1.10 35.75
C ASN A 174 -2.25 -1.56 35.79
N PRO A 175 -1.34 -0.73 36.32
CA PRO A 175 0.07 -1.09 36.40
C PRO A 175 0.41 -2.21 37.37
N ASP A 176 -0.59 -2.72 38.08
CA ASP A 176 -0.34 -3.78 39.05
C ASP A 176 -0.93 -5.12 38.63
N THR A 177 -1.72 -5.11 37.56
CA THR A 177 -2.33 -6.33 37.06
C THR A 177 -2.00 -6.49 35.58
N GLY A 178 -1.52 -5.40 34.98
CA GLY A 178 -1.17 -5.41 33.57
C GLY A 178 -2.40 -5.44 32.71
N TYR A 179 -3.56 -5.40 33.33
CA TYR A 179 -4.82 -5.42 32.59
C TYR A 179 -5.36 -4.02 32.32
N ILE A 180 -6.17 -3.92 31.28
CA ILE A 180 -6.78 -2.65 30.91
C ILE A 180 -7.75 -2.22 32.02
N ASP A 181 -7.57 -1.01 32.51
CA ASP A 181 -8.45 -0.50 33.55
C ASP A 181 -9.74 -0.04 32.88
N TYR A 182 -10.71 -0.93 32.78
CA TYR A 182 -11.98 -0.57 32.14
C TYR A 182 -12.79 0.45 32.95
N ASP A 183 -12.69 0.40 34.27
CA ASP A 183 -13.42 1.34 35.11
C ASP A 183 -13.00 2.79 34.85
N ARG A 184 -11.70 3.03 34.78
CA ARG A 184 -11.21 4.38 34.52
C ARG A 184 -11.60 4.85 33.14
N LEU A 185 -11.57 3.93 32.16
CA LEU A 185 -11.93 4.27 30.80
C LEU A 185 -13.40 4.68 30.76
N GLU A 186 -14.24 3.88 31.41
CA GLU A 186 -15.67 4.17 31.44
C GLU A 186 -15.92 5.56 31.99
N GLU A 187 -15.16 5.93 33.01
CA GLU A 187 -15.30 7.24 33.63
C GLU A 187 -14.82 8.35 32.70
N ASN A 188 -13.60 8.22 32.19
CA ASN A 188 -13.04 9.25 31.31
C ASN A 188 -13.83 9.48 30.01
N ALA A 189 -14.49 8.45 29.51
CA ALA A 189 -15.27 8.60 28.28
C ALA A 189 -16.35 9.68 28.43
N ARG A 190 -16.89 9.80 29.64
CA ARG A 190 -17.95 10.77 29.91
C ARG A 190 -17.43 12.19 29.90
N LEU A 191 -16.12 12.33 30.06
CA LEU A 191 -15.50 13.65 30.05
C LEU A 191 -14.91 13.97 28.69
N PHE A 192 -14.38 12.96 28.01
CA PHE A 192 -13.76 13.16 26.70
C PHE A 192 -14.74 13.11 25.52
N HIS A 193 -15.85 12.39 25.68
CA HIS A 193 -16.85 12.28 24.62
C HIS A 193 -16.27 11.72 23.33
N PRO A 194 -15.67 10.53 23.38
CA PRO A 194 -15.09 9.99 22.15
C PRO A 194 -16.15 9.69 21.10
N LYS A 195 -15.80 9.84 19.84
CA LYS A 195 -16.70 9.54 18.74
C LYS A 195 -16.41 8.11 18.35
N LEU A 196 -15.23 7.63 18.75
CA LEU A 196 -14.80 6.28 18.45
C LEU A 196 -13.75 5.71 19.42
N ILE A 197 -14.04 4.53 19.96
CA ILE A 197 -13.13 3.86 20.89
C ILE A 197 -12.52 2.64 20.19
N ILE A 198 -11.21 2.49 20.32
CA ILE A 198 -10.52 1.39 19.67
C ILE A 198 -10.22 0.22 20.60
N ALA A 199 -10.51 -0.99 20.10
CA ALA A 199 -10.28 -2.22 20.84
C ALA A 199 -9.27 -3.01 20.02
N GLY A 200 -8.01 -2.89 20.38
CA GLY A 200 -6.95 -3.58 19.67
C GLY A 200 -5.60 -3.31 20.32
N THR A 201 -4.70 -4.28 20.24
CA THR A 201 -3.39 -4.13 20.87
C THR A 201 -2.22 -4.60 20.03
N SER A 202 -1.05 -4.04 20.30
CA SER A 202 0.18 -4.43 19.59
C SER A 202 1.05 -5.32 20.49
N CYS A 203 0.83 -5.22 21.80
CA CYS A 203 1.58 -6.02 22.77
C CYS A 203 0.76 -6.20 24.05
N TYR A 204 -0.27 -7.04 23.99
CA TYR A 204 -1.15 -7.32 25.13
C TYR A 204 -1.51 -8.81 25.07
N SER A 205 -1.11 -9.56 26.09
CA SER A 205 -1.35 -11.00 26.11
C SER A 205 -2.74 -11.49 26.54
N ARG A 206 -3.68 -10.58 26.74
CA ARG A 206 -5.01 -10.99 27.17
C ARG A 206 -6.14 -10.60 26.23
N ASN A 207 -7.25 -11.32 26.32
CA ASN A 207 -8.40 -11.04 25.49
C ASN A 207 -8.92 -9.67 25.94
N LEU A 208 -9.64 -8.99 25.05
CA LEU A 208 -10.21 -7.68 25.38
C LEU A 208 -11.68 -7.86 25.74
N ASP A 209 -12.15 -7.09 26.71
CA ASP A 209 -13.56 -7.18 27.12
C ASP A 209 -14.44 -6.43 26.13
N TYR A 210 -14.58 -6.99 24.93
CA TYR A 210 -15.40 -6.39 23.90
C TYR A 210 -16.79 -6.07 24.42
N GLY A 211 -17.36 -6.97 25.22
CA GLY A 211 -18.68 -6.73 25.77
C GLY A 211 -18.73 -5.47 26.63
N ARG A 212 -17.69 -5.28 27.44
CA ARG A 212 -17.65 -4.11 28.28
C ARG A 212 -17.55 -2.89 27.37
N LEU A 213 -16.52 -2.89 26.53
CA LEU A 213 -16.30 -1.79 25.62
C LEU A 213 -17.53 -1.43 24.82
N ARG A 214 -18.39 -2.39 24.55
CA ARG A 214 -19.59 -2.05 23.80
C ARG A 214 -20.52 -1.22 24.69
N LYS A 215 -20.62 -1.57 25.97
CA LYS A 215 -21.48 -0.81 26.89
C LYS A 215 -20.97 0.62 26.95
N ILE A 216 -19.65 0.77 27.12
CA ILE A 216 -19.02 2.07 27.20
C ILE A 216 -19.20 2.90 25.92
N ALA A 217 -19.12 2.26 24.77
CA ALA A 217 -19.29 2.96 23.50
C ALA A 217 -20.73 3.43 23.32
N ASP A 218 -21.67 2.53 23.53
CA ASP A 218 -23.07 2.90 23.39
C ASP A 218 -23.45 3.96 24.42
N GLU A 219 -22.83 3.93 25.59
CA GLU A 219 -23.15 4.93 26.62
C GLU A 219 -22.86 6.33 26.09
N ASN A 220 -21.75 6.49 25.39
CA ASN A 220 -21.38 7.78 24.85
C ASN A 220 -21.77 7.96 23.39
N GLY A 221 -22.55 7.00 22.88
CA GLY A 221 -23.01 7.05 21.49
C GLY A 221 -21.88 6.91 20.47
N ALA A 222 -20.75 6.40 20.93
CA ALA A 222 -19.59 6.24 20.07
C ALA A 222 -19.54 4.90 19.39
N TYR A 223 -18.68 4.81 18.37
CA TYR A 223 -18.50 3.59 17.61
C TYR A 223 -17.39 2.79 18.29
N LEU A 224 -17.52 1.47 18.25
CA LEU A 224 -16.53 0.59 18.83
C LEU A 224 -15.81 -0.14 17.71
N MET A 225 -14.58 0.28 17.44
CA MET A 225 -13.78 -0.30 16.39
C MET A 225 -12.74 -1.23 16.96
N ALA A 226 -12.71 -2.45 16.45
CA ALA A 226 -11.75 -3.42 16.91
C ALA A 226 -10.63 -3.50 15.88
N ASP A 227 -9.41 -3.63 16.38
CA ASP A 227 -8.25 -3.74 15.52
C ASP A 227 -7.61 -5.05 15.90
N MET A 228 -7.97 -6.11 15.17
CA MET A 228 -7.47 -7.44 15.46
C MET A 228 -6.25 -7.85 14.65
N ALA A 229 -5.43 -6.89 14.26
CA ALA A 229 -4.26 -7.22 13.47
C ALA A 229 -3.43 -8.36 14.04
N HIS A 230 -3.23 -8.36 15.35
CA HIS A 230 -2.42 -9.41 15.96
C HIS A 230 -3.08 -10.76 16.19
N ILE A 231 -4.39 -10.78 16.33
CA ILE A 231 -5.09 -12.04 16.61
C ILE A 231 -6.04 -12.49 15.51
N SER A 232 -5.98 -11.83 14.35
CA SER A 232 -6.87 -12.15 13.24
C SER A 232 -6.91 -13.64 12.94
N GLY A 233 -5.74 -14.27 12.93
CA GLY A 233 -5.67 -15.71 12.65
C GLY A 233 -6.29 -16.52 13.77
N LEU A 234 -6.02 -16.11 15.01
CA LEU A 234 -6.55 -16.78 16.17
C LEU A 234 -8.07 -16.74 16.14
N VAL A 235 -8.61 -15.55 15.94
CA VAL A 235 -10.05 -15.38 15.88
C VAL A 235 -10.69 -16.38 14.91
N VAL A 236 -10.07 -16.57 13.74
CA VAL A 236 -10.60 -17.48 12.73
C VAL A 236 -10.66 -18.92 13.20
N ALA A 237 -9.60 -19.39 13.84
CA ALA A 237 -9.56 -20.76 14.32
C ALA A 237 -10.46 -20.94 15.54
N GLY A 238 -10.98 -19.83 16.04
CA GLY A 238 -11.84 -19.89 17.20
C GLY A 238 -11.08 -20.17 18.47
N VAL A 239 -9.79 -19.83 18.47
CA VAL A 239 -8.92 -20.04 19.62
C VAL A 239 -9.00 -18.91 20.65
N VAL A 240 -9.53 -17.76 20.22
CA VAL A 240 -9.72 -16.62 21.12
C VAL A 240 -11.09 -16.06 20.78
N PRO A 241 -11.73 -15.40 21.75
CA PRO A 241 -13.07 -14.85 21.48
C PRO A 241 -13.06 -13.93 20.27
N SER A 242 -14.10 -14.02 19.46
CA SER A 242 -14.24 -13.21 18.25
C SER A 242 -14.71 -11.79 18.59
N PRO A 243 -14.11 -10.77 17.96
CA PRO A 243 -14.50 -9.39 18.25
C PRO A 243 -15.74 -8.96 17.50
N PHE A 244 -16.21 -9.82 16.62
CA PHE A 244 -17.38 -9.51 15.83
C PHE A 244 -18.67 -9.60 16.61
N GLU A 245 -18.57 -10.12 17.83
CA GLU A 245 -19.78 -10.28 18.63
C GLU A 245 -20.34 -8.97 19.14
N HIS A 246 -19.48 -8.02 19.51
CA HIS A 246 -19.95 -6.74 20.04
C HIS A 246 -19.55 -5.49 19.28
N CYS A 247 -18.53 -5.60 18.43
CA CYS A 247 -18.04 -4.44 17.69
C CYS A 247 -18.84 -4.01 16.47
N HIS A 248 -18.71 -2.73 16.11
CA HIS A 248 -19.40 -2.17 14.94
C HIS A 248 -18.51 -2.33 13.73
N VAL A 249 -17.21 -2.29 13.98
CA VAL A 249 -16.23 -2.38 12.91
C VAL A 249 -15.01 -3.15 13.38
N VAL A 250 -14.41 -3.90 12.47
CA VAL A 250 -13.23 -4.67 12.79
C VAL A 250 -12.22 -4.45 11.67
N THR A 251 -11.07 -3.86 11.99
CA THR A 251 -10.06 -3.64 10.98
C THR A 251 -9.00 -4.67 11.27
N THR A 252 -8.22 -5.03 10.26
CA THR A 252 -7.16 -6.01 10.48
C THR A 252 -6.15 -5.98 9.36
N THR A 253 -4.95 -6.47 9.66
CA THR A 253 -3.90 -6.57 8.68
C THR A 253 -4.20 -7.96 8.12
N THR A 254 -3.55 -8.35 7.04
CA THR A 254 -3.82 -9.67 6.49
C THR A 254 -2.64 -10.59 6.68
N HIS A 255 -1.53 -10.03 7.19
CA HIS A 255 -0.35 -10.83 7.47
C HIS A 255 -0.33 -11.18 8.96
N LYS A 256 0.85 -11.22 9.57
CA LYS A 256 0.93 -11.54 10.99
C LYS A 256 0.33 -12.94 11.26
N THR A 257 -0.63 -13.02 12.17
CA THR A 257 -1.23 -14.32 12.50
C THR A 257 -2.21 -14.89 11.47
N LEU A 258 -2.56 -14.10 10.46
CA LEU A 258 -3.48 -14.57 9.44
C LEU A 258 -2.64 -15.14 8.32
N ARG A 259 -1.35 -14.86 8.40
CA ARG A 259 -0.36 -15.38 7.46
C ARG A 259 -0.57 -15.16 5.96
N GLY A 260 -0.98 -13.96 5.57
CA GLY A 260 -1.13 -13.68 4.16
C GLY A 260 -0.09 -12.64 3.77
N CYS A 261 -0.27 -12.00 2.62
CA CYS A 261 0.66 -10.97 2.18
C CYS A 261 0.27 -9.68 2.89
N ARG A 262 1.13 -8.67 2.80
CA ARG A 262 0.83 -7.41 3.46
C ARG A 262 -0.32 -6.63 2.81
N ALA A 263 -1.40 -6.46 3.56
CA ALA A 263 -2.59 -5.75 3.11
C ALA A 263 -3.49 -5.57 4.33
N GLY A 264 -4.68 -5.05 4.13
CA GLY A 264 -5.60 -4.87 5.25
C GLY A 264 -7.05 -4.95 4.83
N MET A 265 -7.95 -5.18 5.80
CA MET A 265 -9.38 -5.25 5.52
C MET A 265 -10.18 -4.46 6.55
N ILE A 266 -11.37 -4.02 6.14
CA ILE A 266 -12.23 -3.28 7.03
C ILE A 266 -13.62 -3.94 7.03
N PHE A 267 -13.97 -4.58 8.14
CA PHE A 267 -15.26 -5.24 8.30
C PHE A 267 -16.20 -4.23 8.96
N TYR A 268 -17.42 -4.16 8.46
CA TYR A 268 -18.39 -3.22 8.99
C TYR A 268 -19.75 -3.86 8.99
N ARG A 269 -20.57 -3.48 9.96
CA ARG A 269 -21.91 -4.02 10.08
C ARG A 269 -22.93 -3.43 9.11
N ARG A 270 -23.97 -4.19 8.83
CA ARG A 270 -25.07 -3.74 7.99
C ARG A 270 -26.34 -4.05 8.79
N GLY A 271 -27.50 -3.73 8.24
CA GLY A 271 -28.74 -4.03 8.93
C GLY A 271 -29.18 -3.04 9.99
N VAL A 272 -29.87 -3.57 11.00
CA VAL A 272 -30.41 -2.77 12.09
C VAL A 272 -29.47 -2.64 13.28
N ARG A 273 -29.33 -1.40 13.77
CA ARG A 273 -28.48 -1.12 14.92
C ARG A 273 -29.33 -1.09 16.19
N SER A 274 -30.60 -0.72 16.03
CA SER A 274 -31.54 -0.65 17.15
C SER A 274 -32.99 -0.46 16.69
N GLU A 282 -37.17 2.84 14.28
CA GLU A 282 -36.09 1.91 14.01
C GLU A 282 -34.89 2.65 13.41
N ILE A 283 -33.69 2.18 13.70
CA ILE A 283 -32.47 2.80 13.17
C ILE A 283 -31.57 1.76 12.50
N LEU A 284 -30.86 2.19 11.48
CA LEU A 284 -29.97 1.30 10.72
C LEU A 284 -28.49 1.67 10.87
N TYR A 285 -27.65 0.97 10.11
CA TYR A 285 -26.22 1.23 10.10
C TYR A 285 -25.91 1.88 8.77
N ASN A 286 -25.09 2.92 8.79
CA ASN A 286 -24.74 3.63 7.57
C ASN A 286 -23.25 3.53 7.30
N LEU A 287 -22.60 2.62 8.01
CA LEU A 287 -21.16 2.41 7.89
C LEU A 287 -20.66 2.09 6.48
N GLU A 288 -21.34 1.16 5.81
CA GLU A 288 -20.98 0.72 4.47
C GLU A 288 -20.50 1.79 3.50
N SER A 289 -21.41 2.65 3.05
CA SER A 289 -21.03 3.70 2.11
C SER A 289 -19.97 4.67 2.65
N LEU A 290 -20.09 5.04 3.92
CA LEU A 290 -19.12 5.96 4.52
C LEU A 290 -17.72 5.40 4.37
N ILE A 291 -17.55 4.18 4.83
CA ILE A 291 -16.26 3.53 4.76
C ILE A 291 -15.79 3.30 3.33
N ASN A 292 -16.67 2.84 2.45
CA ASN A 292 -16.25 2.62 1.08
C ASN A 292 -15.84 3.90 0.40
N SER A 293 -16.61 4.97 0.60
CA SER A 293 -16.29 6.26 0.01
C SER A 293 -14.96 6.79 0.55
N ALA A 294 -14.68 6.53 1.82
CA ALA A 294 -13.45 7.01 2.42
C ALA A 294 -12.21 6.30 1.87
N VAL A 295 -12.33 5.00 1.58
CA VAL A 295 -11.19 4.29 1.05
C VAL A 295 -10.97 4.84 -0.35
N PHE A 296 -12.08 4.95 -1.08
CA PHE A 296 -12.04 5.47 -2.43
C PHE A 296 -13.38 6.13 -2.77
N PRO A 297 -13.35 7.31 -3.42
CA PRO A 297 -12.20 8.09 -3.89
C PRO A 297 -11.57 8.91 -2.77
N GLY A 298 -11.87 8.56 -1.54
CA GLY A 298 -11.33 9.30 -0.44
C GLY A 298 -9.82 9.26 -0.30
N LEU A 299 -9.32 8.13 0.16
CA LEU A 299 -7.89 7.99 0.43
C LEU A 299 -6.97 7.30 -0.55
N GLN A 300 -7.46 6.27 -1.22
CA GLN A 300 -6.62 5.52 -2.16
C GLN A 300 -6.95 5.69 -3.64
N GLY A 301 -6.11 5.08 -4.48
CA GLY A 301 -6.31 5.14 -5.91
C GLY A 301 -6.63 3.76 -6.39
N GLY A 302 -5.96 3.31 -7.44
CA GLY A 302 -6.22 1.98 -7.95
C GLY A 302 -5.82 0.93 -6.92
N PRO A 303 -6.69 -0.05 -6.67
CA PRO A 303 -6.35 -1.08 -5.70
C PRO A 303 -5.27 -2.03 -6.22
N HIS A 304 -4.48 -2.60 -5.31
CA HIS A 304 -3.42 -3.54 -5.69
C HIS A 304 -4.05 -4.93 -5.78
N ASN A 305 -4.62 -5.27 -6.93
CA ASN A 305 -5.29 -6.54 -7.10
C ASN A 305 -4.46 -7.81 -6.82
N HIS A 306 -3.15 -7.74 -7.07
CA HIS A 306 -2.32 -8.90 -6.79
C HIS A 306 -2.30 -9.17 -5.29
N ALA A 307 -2.29 -8.10 -4.50
CA ALA A 307 -2.29 -8.25 -3.05
C ALA A 307 -3.64 -8.82 -2.59
N ILE A 308 -4.70 -8.47 -3.33
CA ILE A 308 -6.02 -8.95 -2.98
C ILE A 308 -6.15 -10.42 -3.31
N ALA A 309 -5.49 -10.86 -4.38
CA ALA A 309 -5.53 -12.27 -4.75
C ALA A 309 -4.78 -13.03 -3.68
N GLY A 310 -3.67 -12.49 -3.23
CA GLY A 310 -2.90 -13.15 -2.19
C GLY A 310 -3.70 -13.27 -0.91
N VAL A 311 -4.53 -12.28 -0.62
CA VAL A 311 -5.33 -12.33 0.60
C VAL A 311 -6.38 -13.41 0.44
N ALA A 312 -7.03 -13.44 -0.72
CA ALA A 312 -8.05 -14.43 -0.99
C ALA A 312 -7.49 -15.84 -0.75
N VAL A 313 -6.29 -16.08 -1.26
CA VAL A 313 -5.63 -17.36 -1.11
C VAL A 313 -5.42 -17.63 0.37
N ALA A 314 -5.04 -16.59 1.09
CA ALA A 314 -4.79 -16.71 2.52
C ALA A 314 -6.07 -17.08 3.26
N LEU A 315 -7.19 -16.52 2.84
CA LEU A 315 -8.46 -16.79 3.51
C LEU A 315 -8.97 -18.20 3.24
N LYS A 316 -8.67 -18.73 2.06
CA LYS A 316 -9.09 -20.07 1.75
C LYS A 316 -8.29 -20.96 2.69
N GLN A 317 -6.99 -20.72 2.74
CA GLN A 317 -6.11 -21.50 3.59
C GLN A 317 -6.48 -21.36 5.06
N ALA A 318 -6.94 -20.18 5.45
CA ALA A 318 -7.31 -19.92 6.83
C ALA A 318 -8.52 -20.71 7.30
N MET A 319 -9.37 -21.12 6.36
CA MET A 319 -10.56 -21.88 6.72
C MET A 319 -10.33 -23.38 6.74
N THR A 320 -9.11 -23.81 6.47
CA THR A 320 -8.82 -25.24 6.49
C THR A 320 -8.60 -25.73 7.91
N PRO A 321 -8.83 -27.02 8.16
CA PRO A 321 -8.62 -27.54 9.51
C PRO A 321 -7.14 -27.48 9.85
N GLU A 322 -6.30 -27.60 8.83
CA GLU A 322 -4.84 -27.54 9.02
C GLU A 322 -4.46 -26.20 9.63
N PHE A 323 -5.09 -25.13 9.14
CA PHE A 323 -4.80 -23.81 9.66
C PHE A 323 -5.35 -23.82 11.08
N LYS A 324 -6.60 -24.28 11.18
CA LYS A 324 -7.29 -24.37 12.45
C LYS A 324 -6.36 -25.00 13.47
N GLU A 325 -5.71 -26.10 13.08
CA GLU A 325 -4.78 -26.79 13.97
C GLU A 325 -3.54 -25.96 14.22
N TYR A 326 -3.01 -25.36 13.16
CA TYR A 326 -1.84 -24.52 13.27
C TYR A 326 -2.02 -23.51 14.41
N GLN A 327 -3.19 -22.89 14.43
CA GLN A 327 -3.46 -21.89 15.44
C GLN A 327 -3.45 -22.50 16.85
N ARG A 328 -4.16 -23.61 17.03
CA ARG A 328 -4.18 -24.26 18.35
C ARG A 328 -2.73 -24.44 18.81
N GLN A 329 -1.88 -24.85 17.87
CA GLN A 329 -0.48 -25.08 18.16
C GLN A 329 0.22 -23.79 18.57
N VAL A 330 -0.07 -22.72 17.83
CA VAL A 330 0.53 -21.44 18.12
C VAL A 330 0.31 -21.07 19.59
N VAL A 331 -0.94 -21.12 20.02
CA VAL A 331 -1.28 -20.77 21.39
C VAL A 331 -0.66 -21.69 22.44
N ALA A 332 -0.60 -22.98 22.13
CA ALA A 332 -0.02 -23.95 23.05
C ALA A 332 1.48 -23.71 23.18
N ASN A 333 2.12 -23.41 22.06
CA ASN A 333 3.54 -23.14 22.08
C ASN A 333 3.79 -22.00 23.04
N CYS A 334 3.04 -20.92 22.86
CA CYS A 334 3.18 -19.75 23.70
C CYS A 334 3.12 -20.13 25.18
N ARG A 335 2.10 -20.89 25.58
CA ARG A 335 1.96 -21.32 26.96
C ARG A 335 3.22 -22.04 27.47
N ALA A 336 3.65 -23.05 26.72
CA ALA A 336 4.84 -23.81 27.09
C ALA A 336 6.06 -22.89 27.22
N LEU A 337 6.21 -21.97 26.27
CA LEU A 337 7.30 -21.03 26.30
C LEU A 337 7.23 -20.21 27.58
N SER A 338 6.02 -19.72 27.86
CA SER A 338 5.76 -18.91 29.03
C SER A 338 6.08 -19.67 30.31
N ALA A 339 5.64 -20.92 30.37
CA ALA A 339 5.88 -21.74 31.54
C ALA A 339 7.37 -21.96 31.75
N ALA A 340 8.06 -22.29 30.66
CA ALA A 340 9.49 -22.55 30.71
C ALA A 340 10.27 -21.35 31.22
N LEU A 341 9.86 -20.16 30.81
CA LEU A 341 10.51 -18.94 31.25
C LEU A 341 10.15 -18.61 32.70
N VAL A 342 8.93 -18.96 33.09
CA VAL A 342 8.50 -18.70 34.47
C VAL A 342 9.39 -19.54 35.35
N GLU A 343 9.53 -20.81 34.98
CA GLU A 343 10.34 -21.75 35.72
C GLU A 343 11.80 -21.27 35.81
N LEU A 344 12.26 -20.57 34.78
CA LEU A 344 13.62 -20.05 34.79
C LEU A 344 13.68 -18.77 35.62
N GLY A 345 12.56 -18.43 36.25
CA GLY A 345 12.53 -17.25 37.10
C GLY A 345 12.16 -15.93 36.47
N TYR A 346 11.61 -15.95 35.25
CA TYR A 346 11.24 -14.72 34.60
C TYR A 346 9.82 -14.31 34.97
N LYS A 347 9.59 -13.00 34.98
CA LYS A 347 8.28 -12.43 35.30
C LYS A 347 7.51 -12.10 34.02
N ILE A 348 6.32 -12.67 33.89
CA ILE A 348 5.46 -12.45 32.73
C ILE A 348 4.34 -11.46 33.06
N VAL A 349 4.26 -10.34 32.36
CA VAL A 349 3.23 -9.33 32.60
C VAL A 349 1.81 -9.88 32.55
N THR A 350 1.11 -9.77 33.68
CA THR A 350 -0.24 -10.28 33.90
C THR A 350 -0.11 -11.77 34.22
N GLY A 351 1.13 -12.21 34.39
CA GLY A 351 1.45 -13.59 34.72
C GLY A 351 1.34 -14.66 33.65
N GLY A 352 0.71 -14.35 32.50
CA GLY A 352 0.58 -15.35 31.46
C GLY A 352 -0.01 -14.77 30.21
N SER A 353 -0.57 -15.62 29.36
CA SER A 353 -1.14 -15.16 28.10
C SER A 353 -2.34 -15.97 27.67
N ASP A 354 -3.17 -15.37 26.84
CA ASP A 354 -4.36 -16.03 26.31
C ASP A 354 -4.17 -16.21 24.82
N ASN A 355 -3.03 -15.74 24.31
CA ASN A 355 -2.79 -15.83 22.89
C ASN A 355 -1.40 -16.25 22.43
N HIS A 356 -0.95 -15.61 21.35
CA HIS A 356 0.32 -15.89 20.72
C HIS A 356 1.55 -15.19 21.25
N LEU A 357 1.41 -14.32 22.25
CA LEU A 357 2.58 -13.59 22.75
C LEU A 357 2.61 -13.36 24.24
N ILE A 358 3.80 -13.02 24.73
CA ILE A 358 3.98 -12.71 26.13
C ILE A 358 4.98 -11.59 26.25
N LEU A 359 4.79 -10.76 27.25
CA LEU A 359 5.65 -9.63 27.52
C LEU A 359 6.49 -10.01 28.73
N VAL A 360 7.76 -10.31 28.50
CA VAL A 360 8.61 -10.71 29.59
C VAL A 360 9.31 -9.52 30.26
N ASP A 361 8.90 -9.24 31.49
CA ASP A 361 9.45 -8.15 32.30
C ASP A 361 10.85 -8.53 32.78
N LEU A 362 11.87 -8.04 32.09
CA LEU A 362 13.25 -8.36 32.47
C LEU A 362 13.79 -7.67 33.72
N ARG A 363 12.97 -6.88 34.40
CA ARG A 363 13.42 -6.22 35.62
C ARG A 363 13.80 -7.31 36.61
N SER A 364 13.07 -8.41 36.55
CA SER A 364 13.28 -9.55 37.43
C SER A 364 14.61 -10.26 37.15
N LYS A 365 15.48 -9.63 36.37
CA LYS A 365 16.80 -10.20 36.05
C LYS A 365 17.85 -9.10 36.03
N GLY A 366 17.44 -7.91 36.47
CA GLY A 366 18.34 -6.78 36.53
C GLY A 366 18.80 -6.19 35.22
N THR A 367 17.95 -6.25 34.19
CA THR A 367 18.34 -5.69 32.91
C THR A 367 17.09 -5.17 32.24
N ASP A 368 17.22 -4.71 30.99
CA ASP A 368 16.08 -4.17 30.26
C ASP A 368 16.04 -4.71 28.85
N GLY A 369 14.87 -4.63 28.23
CA GLY A 369 14.71 -5.12 26.87
C GLY A 369 15.58 -4.39 25.85
N GLY A 370 15.88 -3.13 26.14
CA GLY A 370 16.68 -2.33 25.23
C GLY A 370 18.02 -2.98 24.96
N ARG A 371 18.74 -3.31 26.03
CA ARG A 371 20.03 -3.94 25.89
C ARG A 371 19.85 -5.39 25.46
N ALA A 372 18.88 -6.06 26.06
CA ALA A 372 18.60 -7.46 25.77
C ALA A 372 18.19 -7.79 24.34
N GLU A 373 17.38 -6.94 23.71
CA GLU A 373 16.95 -7.25 22.36
C GLU A 373 18.16 -7.29 21.42
N LYS A 374 19.08 -6.35 21.62
CA LYS A 374 20.27 -6.27 20.79
C LYS A 374 21.21 -7.45 20.96
N VAL A 375 21.39 -7.90 22.20
CA VAL A 375 22.27 -9.05 22.42
C VAL A 375 21.63 -10.30 21.79
N LEU A 376 20.38 -10.56 22.12
CA LEU A 376 19.68 -11.73 21.57
C LEU A 376 19.76 -11.72 20.04
N GLU A 377 19.67 -10.54 19.45
CA GLU A 377 19.73 -10.37 18.00
C GLU A 377 21.05 -10.88 17.46
N ALA A 378 22.13 -10.49 18.13
CA ALA A 378 23.46 -10.90 17.73
C ALA A 378 23.58 -12.42 17.77
N CYS A 379 22.73 -13.06 18.56
CA CYS A 379 22.73 -14.51 18.65
C CYS A 379 21.71 -15.12 17.70
N SER A 380 21.17 -14.28 16.82
CA SER A 380 20.19 -14.69 15.82
C SER A 380 18.82 -15.08 16.38
N ILE A 381 18.53 -14.55 17.56
CA ILE A 381 17.25 -14.77 18.21
C ILE A 381 16.51 -13.44 18.04
N ALA A 382 15.56 -13.41 17.11
CA ALA A 382 14.83 -12.19 16.84
C ALA A 382 13.63 -11.90 17.77
N CYS A 383 13.60 -10.69 18.30
CA CYS A 383 12.51 -10.24 19.16
C CYS A 383 12.69 -8.74 19.36
N ASN A 384 11.82 -8.13 20.18
CA ASN A 384 11.95 -6.70 20.42
C ASN A 384 11.54 -6.27 21.83
N LYS A 385 12.06 -5.11 22.23
CA LYS A 385 11.78 -4.54 23.53
C LYS A 385 10.40 -3.92 23.54
N ASN A 386 9.92 -3.61 24.73
CA ASN A 386 8.63 -2.98 24.91
C ASN A 386 8.40 -2.76 26.39
N THR A 387 8.14 -1.51 26.75
CA THR A 387 7.91 -1.13 28.13
C THR A 387 6.83 -1.98 28.79
N CYS A 388 6.99 -2.19 30.08
CA CYS A 388 6.01 -2.95 30.85
C CYS A 388 5.17 -1.92 31.60
N PRO A 389 3.92 -2.26 31.95
CA PRO A 389 3.04 -1.34 32.67
C PRO A 389 3.72 -0.47 33.72
N GLY A 390 4.60 -1.08 34.53
CA GLY A 390 5.31 -0.34 35.55
C GLY A 390 6.20 0.77 34.99
N ASP A 391 7.33 0.37 34.41
CA ASP A 391 8.33 1.27 33.81
C ASP A 391 8.13 2.77 33.99
N LYS A 392 9.11 3.40 34.64
CA LYS A 392 9.06 4.83 34.89
C LYS A 392 9.66 5.59 33.70
N SER A 393 10.63 4.98 33.04
CA SER A 393 11.27 5.60 31.89
C SER A 393 11.00 4.84 30.60
N ALA A 394 10.70 5.58 29.54
CA ALA A 394 10.44 4.98 28.24
C ALA A 394 11.75 4.76 27.51
N LEU A 395 12.84 5.26 28.08
CA LEU A 395 14.17 5.13 27.49
C LEU A 395 14.96 4.00 28.15
N ARG A 396 14.24 2.98 28.61
CA ARG A 396 14.85 1.84 29.28
C ARG A 396 13.72 0.86 29.59
N PRO A 397 13.01 0.42 28.54
CA PRO A 397 11.89 -0.51 28.70
C PRO A 397 12.31 -1.80 29.39
N SER A 398 11.48 -2.25 30.32
CA SER A 398 11.76 -3.45 31.07
C SER A 398 11.48 -4.72 30.30
N GLY A 399 10.52 -4.67 29.39
CA GLY A 399 10.17 -5.90 28.70
C GLY A 399 10.67 -6.26 27.32
N LEU A 400 10.47 -7.54 27.02
CA LEU A 400 10.79 -8.16 25.75
C LEU A 400 9.48 -8.78 25.31
N ARG A 401 9.14 -8.64 24.04
CA ARG A 401 7.92 -9.24 23.55
C ARG A 401 8.31 -10.47 22.78
N LEU A 402 7.59 -11.55 22.99
CA LEU A 402 7.87 -12.80 22.29
C LEU A 402 6.58 -13.36 21.75
N GLY A 403 6.62 -13.73 20.47
CA GLY A 403 5.46 -14.30 19.81
C GLY A 403 5.83 -15.65 19.24
N THR A 404 4.83 -16.51 19.03
CA THR A 404 5.09 -17.83 18.50
C THR A 404 4.57 -18.11 17.10
N PRO A 405 3.81 -17.18 16.51
CA PRO A 405 3.32 -17.47 15.16
C PRO A 405 4.37 -17.96 14.16
N ALA A 406 5.41 -17.16 13.95
CA ALA A 406 6.47 -17.51 12.99
C ALA A 406 7.10 -18.88 13.20
N LEU A 407 7.74 -19.09 14.33
CA LEU A 407 8.37 -20.37 14.58
C LEU A 407 7.41 -21.55 14.52
N THR A 408 6.14 -21.32 14.86
CA THR A 408 5.16 -22.41 14.81
C THR A 408 4.92 -22.81 13.34
N SER A 409 4.89 -21.83 12.46
CA SER A 409 4.68 -22.10 11.04
C SER A 409 5.83 -22.92 10.47
N ARG A 410 6.89 -23.04 11.25
CA ARG A 410 8.04 -23.82 10.83
C ARG A 410 7.95 -25.23 11.43
N GLY A 411 6.98 -25.43 12.32
CA GLY A 411 6.79 -26.74 12.91
C GLY A 411 7.17 -26.95 14.37
N LEU A 412 7.74 -25.94 15.00
CA LEU A 412 8.14 -26.04 16.40
C LEU A 412 6.95 -26.46 17.29
N LEU A 413 7.23 -27.31 18.28
CA LEU A 413 6.20 -27.78 19.21
C LEU A 413 6.64 -27.47 20.64
N GLU A 414 5.82 -27.82 21.61
CA GLU A 414 6.15 -27.54 22.99
C GLU A 414 7.62 -27.84 23.32
N LYS A 415 8.06 -29.06 23.04
CA LYS A 415 9.45 -29.42 23.35
C LYS A 415 10.44 -28.46 22.71
N ASP A 416 10.17 -28.11 21.46
CA ASP A 416 11.04 -27.21 20.73
C ASP A 416 11.15 -25.86 21.40
N PHE A 417 10.03 -25.29 21.80
CA PHE A 417 10.02 -23.98 22.45
C PHE A 417 10.73 -23.96 23.79
N GLN A 418 10.66 -25.08 24.50
CA GLN A 418 11.34 -25.14 25.78
C GLN A 418 12.82 -24.94 25.55
N LYS A 419 13.33 -25.51 24.46
CA LYS A 419 14.73 -25.36 24.14
C LYS A 419 14.98 -23.89 23.79
N VAL A 420 14.04 -23.30 23.06
CA VAL A 420 14.12 -21.90 22.66
C VAL A 420 14.22 -21.05 23.93
N ALA A 421 13.31 -21.27 24.87
CA ALA A 421 13.34 -20.51 26.12
C ALA A 421 14.74 -20.52 26.69
N HIS A 422 15.38 -21.70 26.68
CA HIS A 422 16.73 -21.83 27.21
C HIS A 422 17.71 -20.96 26.45
N PHE A 423 17.58 -20.96 25.13
CA PHE A 423 18.47 -20.13 24.34
C PHE A 423 18.29 -18.67 24.71
N ILE A 424 17.04 -18.21 24.86
CA ILE A 424 16.77 -16.82 25.22
C ILE A 424 17.36 -16.50 26.60
N HIS A 425 17.23 -17.45 27.51
CA HIS A 425 17.76 -17.30 28.86
C HIS A 425 19.27 -17.13 28.80
N ARG A 426 19.94 -18.00 28.05
CA ARG A 426 21.38 -17.94 27.88
C ARG A 426 21.71 -16.51 27.44
N GLY A 427 20.86 -15.98 26.59
CA GLY A 427 21.06 -14.63 26.08
C GLY A 427 20.95 -13.58 27.16
N ILE A 428 19.86 -13.63 27.92
CA ILE A 428 19.62 -12.67 29.01
C ILE A 428 20.81 -12.68 29.97
N GLU A 429 21.38 -13.86 30.20
CA GLU A 429 22.52 -13.96 31.09
C GLU A 429 23.70 -13.21 30.46
N LEU A 430 23.93 -13.44 29.17
CA LEU A 430 25.01 -12.79 28.47
C LEU A 430 24.80 -11.28 28.53
N THR A 431 23.60 -10.81 28.17
CA THR A 431 23.33 -9.38 28.20
C THR A 431 23.60 -8.81 29.59
N VAL A 432 23.30 -9.57 30.63
CA VAL A 432 23.57 -9.12 32.00
C VAL A 432 25.08 -9.03 32.25
N GLN A 433 25.80 -10.05 31.82
CA GLN A 433 27.26 -10.09 31.98
C GLN A 433 27.91 -8.81 31.43
N ILE A 434 27.52 -8.42 30.21
CA ILE A 434 28.07 -7.24 29.57
C ILE A 434 27.72 -6.04 30.43
N GLN A 435 26.69 -6.23 31.23
CA GLN A 435 26.22 -5.19 32.12
C GLN A 435 27.15 -5.09 33.32
N ASP A 436 27.30 -6.17 34.07
CA ASP A 436 28.16 -6.16 35.24
C ASP A 436 29.58 -5.68 34.91
N ASP A 437 30.00 -5.90 33.67
CA ASP A 437 31.32 -5.49 33.23
C ASP A 437 31.33 -3.99 32.97
N THR A 438 30.16 -3.42 32.67
CA THR A 438 30.05 -1.99 32.39
C THR A 438 29.75 -1.20 33.65
N GLY A 439 29.16 -1.87 34.64
CA GLY A 439 28.82 -1.19 35.87
C GLY A 439 27.33 -0.90 35.93
N PRO A 440 26.71 -1.07 37.11
CA PRO A 440 25.28 -0.83 37.31
C PRO A 440 24.74 0.38 36.53
N ARG A 441 25.61 1.34 36.26
CA ARG A 441 25.21 2.55 35.53
C ARG A 441 26.07 2.73 34.30
N ALA A 442 25.42 2.91 33.15
CA ALA A 442 26.11 3.10 31.88
C ALA A 442 25.09 3.32 30.77
N THR A 443 25.46 4.17 29.81
CA THR A 443 24.57 4.48 28.69
C THR A 443 24.50 3.28 27.77
N LEU A 444 23.42 3.23 27.00
CA LEU A 444 23.20 2.15 26.07
C LEU A 444 24.34 1.94 25.07
N LYS A 445 24.93 3.03 24.60
CA LYS A 445 26.03 2.94 23.63
C LYS A 445 27.27 2.34 24.28
N GLU A 446 27.43 2.57 25.58
CA GLU A 446 28.57 2.03 26.31
C GLU A 446 28.43 0.52 26.30
N PHE A 447 27.22 0.08 26.65
CA PHE A 447 26.86 -1.34 26.72
C PHE A 447 27.16 -2.09 25.43
N LYS A 448 26.65 -1.57 24.31
CA LYS A 448 26.86 -2.19 23.01
C LYS A 448 28.34 -2.30 22.66
N GLU A 449 29.13 -1.33 23.11
CA GLU A 449 30.55 -1.32 22.83
C GLU A 449 31.23 -2.56 23.39
N LYS A 450 30.91 -2.88 24.65
CA LYS A 450 31.48 -4.06 25.30
C LYS A 450 31.03 -5.31 24.56
N LEU A 451 29.74 -5.39 24.28
CA LEU A 451 29.15 -6.53 23.57
C LEU A 451 30.00 -6.89 22.36
N ALA A 452 30.42 -5.85 21.63
CA ALA A 452 31.23 -6.03 20.43
C ALA A 452 32.70 -6.17 20.75
N GLY A 453 33.28 -5.17 21.41
CA GLY A 453 34.69 -5.20 21.76
C GLY A 453 35.03 -5.85 23.10
N ASP A 454 35.30 -7.15 23.07
CA ASP A 454 35.66 -7.92 24.27
C ASP A 454 35.75 -9.39 23.90
N GLU A 455 36.96 -9.92 23.88
CA GLU A 455 37.20 -11.32 23.54
C GLU A 455 36.16 -12.28 24.11
N LYS A 456 36.03 -12.31 25.43
CA LYS A 456 35.09 -13.20 26.11
C LYS A 456 33.64 -13.09 25.63
N HIS A 457 33.22 -11.87 25.30
CA HIS A 457 31.85 -11.64 24.85
C HIS A 457 31.59 -11.89 23.37
N GLN A 458 32.08 -11.05 22.46
CA GLN A 458 31.87 -11.29 21.03
C GLN A 458 32.02 -12.78 20.77
N ARG A 459 32.88 -13.40 21.56
CA ARG A 459 33.15 -14.83 21.48
C ARG A 459 31.95 -15.62 21.98
N ALA A 460 31.42 -15.19 23.12
CA ALA A 460 30.25 -15.81 23.71
C ALA A 460 29.11 -15.76 22.71
N VAL A 461 28.91 -14.58 22.11
CA VAL A 461 27.87 -14.38 21.11
C VAL A 461 27.99 -15.43 20.00
N ARG A 462 29.20 -15.56 19.48
CA ARG A 462 29.49 -16.51 18.42
C ARG A 462 29.06 -17.91 18.81
N ALA A 463 29.37 -18.28 20.04
CA ALA A 463 29.04 -19.59 20.54
C ALA A 463 27.55 -19.88 20.52
N LEU A 464 26.77 -18.95 21.06
CA LEU A 464 25.32 -19.10 21.13
C LEU A 464 24.67 -18.93 19.76
N ARG A 465 25.25 -18.05 18.95
CA ARG A 465 24.72 -17.82 17.62
C ARG A 465 24.81 -19.15 16.89
N GLN A 466 25.95 -19.81 17.06
CA GLN A 466 26.18 -21.09 16.42
C GLN A 466 25.11 -22.09 16.83
N GLU A 467 24.85 -22.21 18.13
CA GLU A 467 23.84 -23.15 18.61
C GLU A 467 22.45 -22.77 18.13
N VAL A 468 22.14 -21.48 18.20
CA VAL A 468 20.86 -20.98 17.75
C VAL A 468 20.63 -21.35 16.30
N GLU A 469 21.59 -21.00 15.45
CA GLU A 469 21.46 -21.29 14.03
C GLU A 469 21.47 -22.76 13.62
N SER A 470 22.09 -23.61 14.42
CA SER A 470 22.11 -25.04 14.10
C SER A 470 20.70 -25.55 14.34
N PHE A 471 20.16 -25.26 15.51
CA PHE A 471 18.81 -25.68 15.86
C PHE A 471 17.80 -25.22 14.81
N ALA A 472 17.88 -23.95 14.44
CA ALA A 472 16.94 -23.39 13.46
C ALA A 472 16.95 -24.15 12.15
N ALA A 473 18.15 -24.54 11.73
CA ALA A 473 18.31 -25.26 10.47
C ALA A 473 17.50 -26.55 10.45
N LEU A 474 17.19 -27.09 11.62
CA LEU A 474 16.42 -28.33 11.74
C LEU A 474 15.01 -28.21 11.15
N PHE A 475 14.49 -26.99 11.09
CA PHE A 475 13.15 -26.80 10.57
C PHE A 475 13.10 -26.20 9.18
N PRO A 476 12.01 -26.46 8.45
CA PRO A 476 11.85 -25.94 7.09
C PRO A 476 11.49 -24.45 7.12
N LEU A 477 11.59 -23.81 5.95
CA LEU A 477 11.27 -22.39 5.82
C LEU A 477 10.23 -22.15 4.72
N PRO A 478 8.96 -21.98 5.10
CA PRO A 478 7.88 -21.75 4.14
C PRO A 478 8.26 -20.74 3.07
N GLY A 479 7.57 -20.80 1.94
CA GLY A 479 7.87 -19.88 0.86
C GLY A 479 8.10 -20.60 -0.44
N LEU A 480 8.55 -19.84 -1.44
CA LEU A 480 8.83 -20.37 -2.77
C LEU A 480 10.11 -21.18 -2.71
N PRO A 481 10.12 -22.34 -3.39
CA PRO A 481 11.26 -23.26 -3.45
C PRO A 481 12.56 -22.72 -2.86
N GLY A 482 13.48 -22.32 -3.72
CA GLY A 482 14.74 -21.81 -3.23
C GLY A 482 15.10 -20.45 -3.79
N PHE A 483 15.29 -19.48 -2.90
CA PHE A 483 15.67 -18.13 -3.30
C PHE A 483 17.18 -17.96 -3.24
N TRP B 14 -3.38 -31.73 10.23
CA TRP B 14 -2.21 -31.30 11.05
C TRP B 14 -0.89 -31.59 10.35
N SER B 15 -0.84 -32.72 9.65
CA SER B 15 0.36 -33.13 8.91
C SER B 15 0.43 -32.31 7.63
N SER B 16 -0.69 -32.30 6.91
CA SER B 16 -0.80 -31.59 5.63
C SER B 16 -0.54 -30.11 5.75
N HIS B 17 -0.81 -29.53 6.91
CA HIS B 17 -0.57 -28.10 7.09
C HIS B 17 0.79 -27.74 6.49
N GLU B 18 1.77 -28.60 6.71
CA GLU B 18 3.11 -28.35 6.20
C GLU B 18 3.14 -28.47 4.70
N GLN B 19 2.41 -29.44 4.17
CA GLN B 19 2.35 -29.63 2.74
C GLN B 19 1.56 -28.48 2.14
N MET B 20 0.76 -27.83 2.99
CA MET B 20 -0.08 -26.71 2.58
C MET B 20 0.70 -25.45 2.26
N LEU B 21 1.77 -25.20 3.00
CA LEU B 21 2.58 -24.01 2.78
C LEU B 21 3.41 -24.06 1.50
N ALA B 22 3.61 -25.24 0.93
CA ALA B 22 4.40 -25.36 -0.29
C ALA B 22 3.48 -25.38 -1.50
N GLN B 23 2.57 -26.34 -1.49
CA GLN B 23 1.56 -26.53 -2.52
C GLN B 23 1.39 -25.31 -3.43
N PRO B 24 1.85 -25.40 -4.69
CA PRO B 24 1.75 -24.30 -5.66
C PRO B 24 0.37 -23.70 -5.66
N LEU B 25 0.25 -22.49 -6.20
CA LEU B 25 -1.03 -21.80 -6.27
C LEU B 25 -2.02 -22.56 -7.15
N LYS B 26 -1.53 -23.11 -8.26
CA LYS B 26 -2.39 -23.85 -9.17
C LYS B 26 -3.11 -25.00 -8.49
N ASP B 27 -2.44 -25.63 -7.54
CA ASP B 27 -3.04 -26.76 -6.82
C ASP B 27 -3.77 -26.29 -5.57
N SER B 28 -3.10 -25.45 -4.78
CA SER B 28 -3.65 -24.95 -3.54
C SER B 28 -4.98 -24.21 -3.69
N ASP B 29 -5.14 -23.46 -4.78
CA ASP B 29 -6.37 -22.69 -4.98
C ASP B 29 -6.68 -22.52 -6.47
N ALA B 30 -7.47 -23.43 -7.02
CA ALA B 30 -7.83 -23.38 -8.43
C ALA B 30 -8.74 -22.23 -8.83
N GLU B 31 -9.62 -21.84 -7.92
CA GLU B 31 -10.55 -20.77 -8.22
C GLU B 31 -9.83 -19.43 -8.48
N VAL B 32 -8.83 -19.12 -7.66
CA VAL B 32 -8.07 -17.90 -7.83
C VAL B 32 -7.21 -18.04 -9.07
N TYR B 33 -6.51 -19.18 -9.16
CA TYR B 33 -5.65 -19.47 -10.30
C TYR B 33 -6.42 -19.29 -11.61
N ASP B 34 -7.60 -19.89 -11.69
CA ASP B 34 -8.43 -19.80 -12.87
C ASP B 34 -8.71 -18.35 -13.24
N ILE B 35 -8.97 -17.52 -12.23
CA ILE B 35 -9.23 -16.11 -12.45
C ILE B 35 -8.00 -15.47 -13.07
N ILE B 36 -6.86 -15.63 -12.41
CA ILE B 36 -5.61 -15.06 -12.92
C ILE B 36 -5.41 -15.43 -14.37
N LYS B 37 -5.71 -16.67 -14.73
CA LYS B 37 -5.56 -17.09 -16.12
C LYS B 37 -6.50 -16.30 -17.03
N LYS B 38 -7.80 -16.34 -16.75
CA LYS B 38 -8.76 -15.60 -17.57
C LYS B 38 -8.37 -14.14 -17.72
N GLU B 39 -7.79 -13.55 -16.68
CA GLU B 39 -7.37 -12.15 -16.74
C GLU B 39 -6.19 -12.03 -17.68
N SER B 40 -5.20 -12.91 -17.51
CA SER B 40 -4.02 -12.87 -18.36
C SER B 40 -4.42 -12.96 -19.81
N ASN B 41 -5.39 -13.82 -20.08
CA ASN B 41 -5.86 -14.00 -21.44
C ASN B 41 -6.64 -12.79 -21.94
N ARG B 42 -7.37 -12.10 -21.06
CA ARG B 42 -8.12 -10.93 -21.48
C ARG B 42 -7.11 -9.88 -21.90
N GLN B 43 -6.12 -9.68 -21.04
CA GLN B 43 -5.07 -8.71 -21.30
C GLN B 43 -4.40 -8.95 -22.62
N ARG B 44 -4.36 -10.21 -23.04
CA ARG B 44 -3.69 -10.55 -24.28
C ARG B 44 -4.46 -10.14 -25.51
N VAL B 45 -5.68 -10.63 -25.65
CA VAL B 45 -6.49 -10.33 -26.83
C VAL B 45 -7.07 -8.93 -26.93
N GLY B 46 -6.99 -8.15 -25.86
CA GLY B 46 -7.53 -6.80 -25.92
C GLY B 46 -6.48 -5.78 -26.30
N LEU B 47 -6.93 -4.56 -26.64
CA LEU B 47 -6.03 -3.46 -27.00
C LEU B 47 -6.07 -2.41 -25.88
N GLU B 48 -5.04 -2.40 -25.04
CA GLU B 48 -4.95 -1.47 -23.92
C GLU B 48 -4.52 -0.07 -24.31
N LEU B 49 -5.46 0.86 -24.23
CA LEU B 49 -5.18 2.25 -24.55
C LEU B 49 -5.45 3.16 -23.38
N ILE B 50 -5.62 2.58 -22.20
CA ILE B 50 -5.86 3.40 -21.02
C ILE B 50 -4.52 3.97 -20.59
N ALA B 51 -4.42 5.29 -20.66
CA ALA B 51 -3.20 6.02 -20.34
C ALA B 51 -2.37 5.56 -19.14
N SER B 52 -3.05 5.16 -18.07
CA SER B 52 -2.36 4.75 -16.86
C SER B 52 -1.91 3.29 -16.80
N GLU B 53 -2.27 2.52 -17.81
CA GLU B 53 -1.92 1.11 -17.84
C GLU B 53 -0.56 0.82 -18.47
N ASN B 54 -0.02 -0.35 -18.11
CA ASN B 54 1.24 -0.83 -18.65
C ASN B 54 1.41 -2.30 -18.25
N PHE B 55 2.57 -2.86 -18.55
CA PHE B 55 2.84 -4.24 -18.22
C PHE B 55 4.19 -4.40 -17.56
N ALA B 56 4.21 -4.87 -16.32
CA ALA B 56 5.47 -5.03 -15.61
C ALA B 56 6.26 -6.21 -16.16
N SER B 57 7.58 -6.05 -16.23
CA SER B 57 8.44 -7.12 -16.74
C SER B 57 8.37 -8.31 -15.81
N ARG B 58 8.89 -9.44 -16.27
CA ARG B 58 8.88 -10.64 -15.45
C ARG B 58 9.80 -10.50 -14.26
N ALA B 59 10.90 -9.77 -14.43
CA ALA B 59 11.85 -9.58 -13.34
C ALA B 59 11.17 -8.89 -12.17
N VAL B 60 10.49 -7.78 -12.46
CA VAL B 60 9.77 -7.03 -11.44
C VAL B 60 8.77 -7.94 -10.75
N LEU B 61 7.95 -8.62 -11.53
CA LEU B 61 6.96 -9.52 -10.95
C LEU B 61 7.56 -10.63 -10.07
N GLU B 62 8.72 -11.15 -10.44
CA GLU B 62 9.34 -12.20 -9.64
C GLU B 62 9.70 -11.67 -8.25
N ALA B 63 10.15 -10.43 -8.19
CA ALA B 63 10.54 -9.81 -6.93
C ALA B 63 9.39 -9.78 -5.92
N LEU B 64 8.21 -9.39 -6.38
CA LEU B 64 7.06 -9.33 -5.49
C LEU B 64 6.80 -10.64 -4.74
N GLY B 65 7.17 -11.76 -5.35
CA GLY B 65 6.94 -13.04 -4.71
C GLY B 65 8.01 -13.49 -3.73
N SER B 66 9.13 -12.75 -3.65
CA SER B 66 10.23 -13.11 -2.76
C SER B 66 9.86 -13.18 -1.29
N CYS B 67 10.81 -13.63 -0.48
CA CYS B 67 10.61 -13.75 0.95
C CYS B 67 10.68 -12.38 1.60
N LEU B 68 10.87 -11.36 0.79
CA LEU B 68 10.94 -10.00 1.30
C LEU B 68 9.59 -9.61 1.91
N ASN B 69 8.56 -10.40 1.65
CA ASN B 69 7.23 -10.16 2.21
C ASN B 69 7.26 -10.36 3.71
N ASN B 70 8.11 -11.28 4.13
CA ASN B 70 8.21 -11.66 5.52
C ASN B 70 8.76 -10.70 6.57
N LYS B 71 9.76 -9.89 6.22
CA LYS B 71 10.34 -8.99 7.22
C LYS B 71 9.63 -7.67 7.51
N TYR B 72 9.49 -7.37 8.79
CA TYR B 72 8.87 -6.12 9.23
C TYR B 72 10.07 -5.22 9.44
N SER B 73 9.99 -3.98 8.97
CA SER B 73 11.12 -3.07 9.15
C SER B 73 10.73 -1.61 9.31
N GLN B 74 9.78 -1.35 10.20
CA GLN B 74 9.35 0.03 10.46
C GLN B 74 10.62 0.84 10.66
N GLY B 75 10.57 2.11 10.31
CA GLY B 75 11.74 2.94 10.47
C GLY B 75 12.48 3.10 9.17
N TYR B 76 13.75 3.45 9.28
CA TYR B 76 14.57 3.65 8.09
C TYR B 76 15.92 3.00 8.31
N PRO B 77 16.69 2.77 7.23
CA PRO B 77 18.02 2.14 7.27
C PRO B 77 18.93 2.50 8.44
N GLY B 78 19.06 3.80 8.70
CA GLY B 78 19.92 4.21 9.79
C GLY B 78 19.34 3.80 11.13
N GLN B 79 18.02 3.77 11.24
CA GLN B 79 17.39 3.41 12.49
C GLN B 79 16.04 2.74 12.32
N ARG B 80 15.98 1.46 12.69
CA ARG B 80 14.74 0.69 12.60
C ARG B 80 14.23 0.40 14.00
N TYR B 81 12.97 0.00 14.10
CA TYR B 81 12.39 -0.36 15.38
C TYR B 81 12.91 -1.75 15.80
N TYR B 82 13.13 -2.64 14.83
CA TYR B 82 13.64 -3.98 15.16
C TYR B 82 15.00 -4.22 14.50
N GLY B 83 15.61 -5.37 14.82
CA GLY B 83 16.90 -5.73 14.24
C GLY B 83 16.79 -6.71 13.08
N GLY B 84 17.91 -7.32 12.69
CA GLY B 84 17.89 -8.27 11.59
C GLY B 84 17.49 -7.68 10.26
N THR B 85 17.66 -6.37 10.12
CA THR B 85 17.30 -5.68 8.88
C THR B 85 18.51 -5.50 7.96
N GLU B 86 19.58 -6.23 8.25
CA GLU B 86 20.80 -6.12 7.45
C GLU B 86 20.58 -6.08 5.94
N HIS B 87 19.74 -6.97 5.43
CA HIS B 87 19.49 -7.02 4.01
C HIS B 87 18.44 -6.03 3.55
N ILE B 88 17.36 -5.89 4.30
CA ILE B 88 16.34 -4.92 3.92
C ILE B 88 17.05 -3.57 3.72
N ASP B 89 18.05 -3.31 4.57
CA ASP B 89 18.79 -2.08 4.47
C ASP B 89 19.59 -2.03 3.18
N GLU B 90 20.19 -3.15 2.78
CA GLU B 90 20.94 -3.18 1.54
C GLU B 90 19.96 -2.80 0.43
N LEU B 91 18.77 -3.38 0.51
CA LEU B 91 17.72 -3.15 -0.47
C LEU B 91 17.21 -1.70 -0.55
N GLU B 92 16.59 -1.22 0.52
CA GLU B 92 16.06 0.13 0.54
C GLU B 92 17.13 1.09 0.05
N THR B 93 18.32 1.00 0.64
CA THR B 93 19.44 1.85 0.24
C THR B 93 19.71 1.74 -1.27
N LEU B 94 19.88 0.52 -1.76
CA LEU B 94 20.13 0.29 -3.18
C LEU B 94 19.02 0.97 -3.99
N CYS B 95 17.79 0.80 -3.54
CA CYS B 95 16.64 1.36 -4.24
C CYS B 95 16.74 2.87 -4.36
N GLN B 96 17.18 3.52 -3.31
CA GLN B 96 17.31 4.98 -3.33
C GLN B 96 18.45 5.38 -4.26
N LYS B 97 19.56 4.64 -4.21
CA LYS B 97 20.69 4.97 -5.07
C LYS B 97 20.23 4.93 -6.53
N ARG B 98 19.42 3.92 -6.87
CA ARG B 98 18.92 3.78 -8.23
C ARG B 98 17.86 4.84 -8.58
N ALA B 99 17.09 5.27 -7.60
CA ALA B 99 16.07 6.27 -7.87
C ALA B 99 16.70 7.63 -8.16
N LEU B 100 17.73 8.01 -7.40
CA LEU B 100 18.37 9.29 -7.65
C LEU B 100 19.19 9.16 -8.93
N GLN B 101 19.83 8.01 -9.10
CA GLN B 101 20.65 7.75 -10.29
C GLN B 101 19.84 7.85 -11.58
N ALA B 102 18.75 7.10 -11.63
CA ALA B 102 17.89 7.09 -12.82
C ALA B 102 17.49 8.48 -13.29
N TYR B 103 17.35 9.40 -12.35
CA TYR B 103 16.93 10.76 -12.70
C TYR B 103 18.09 11.73 -12.73
N GLY B 104 19.30 11.19 -12.70
CA GLY B 104 20.52 11.98 -12.73
C GLY B 104 20.55 13.04 -11.66
N LEU B 105 20.10 12.67 -10.46
CA LEU B 105 20.05 13.59 -9.34
C LEU B 105 21.30 13.47 -8.48
N ASP B 106 21.78 14.62 -8.00
CA ASP B 106 22.97 14.61 -7.15
C ASP B 106 22.53 14.32 -5.71
N PRO B 107 22.98 13.19 -5.14
CA PRO B 107 22.61 12.83 -3.79
C PRO B 107 22.86 13.92 -2.74
N GLN B 108 23.45 15.02 -3.14
CA GLN B 108 23.70 16.11 -2.22
C GLN B 108 22.67 17.21 -2.39
N CYS B 109 21.84 17.08 -3.41
CA CYS B 109 20.81 18.07 -3.65
C CYS B 109 19.43 17.42 -3.59
N TRP B 110 19.42 16.09 -3.58
CA TRP B 110 18.19 15.34 -3.55
C TRP B 110 18.24 14.10 -2.67
N GLY B 111 17.10 13.79 -2.06
CA GLY B 111 16.95 12.60 -1.23
C GLY B 111 15.70 11.94 -1.78
N VAL B 112 15.37 10.74 -1.33
CA VAL B 112 14.17 10.08 -1.85
C VAL B 112 13.63 9.05 -0.89
N ASN B 113 12.31 9.06 -0.71
CA ASN B 113 11.68 8.08 0.16
C ASN B 113 11.06 7.05 -0.76
N VAL B 114 11.40 5.79 -0.52
CA VAL B 114 10.89 4.73 -1.38
C VAL B 114 9.89 3.81 -0.67
N GLN B 115 9.28 4.32 0.40
CA GLN B 115 8.34 3.51 1.14
C GLN B 115 6.84 3.66 0.84
N PRO B 116 6.43 4.76 0.18
CA PRO B 116 4.99 4.87 -0.10
C PRO B 116 4.42 3.59 -0.67
N TYR B 117 3.19 3.28 -0.29
CA TYR B 117 2.54 2.08 -0.76
C TYR B 117 1.99 2.24 -2.16
N SER B 118 1.74 3.48 -2.55
CA SER B 118 1.21 3.72 -3.87
C SER B 118 1.28 5.21 -4.18
N GLY B 119 0.70 5.61 -5.31
CA GLY B 119 0.74 7.01 -5.70
C GLY B 119 0.04 7.95 -4.75
N SER B 120 -1.25 7.70 -4.53
CA SER B 120 -2.03 8.54 -3.64
C SER B 120 -1.37 8.69 -2.28
N PRO B 121 -0.89 7.58 -1.70
CA PRO B 121 -0.25 7.68 -0.38
C PRO B 121 0.97 8.61 -0.38
N ALA B 122 1.75 8.59 -1.46
CA ALA B 122 2.92 9.43 -1.54
C ALA B 122 2.51 10.90 -1.42
N ASN B 123 1.50 11.30 -2.19
CA ASN B 123 1.03 12.68 -2.14
C ASN B 123 0.60 13.07 -0.75
N PHE B 124 -0.23 12.23 -0.13
CA PHE B 124 -0.72 12.55 1.19
C PHE B 124 0.41 12.67 2.21
N ALA B 125 1.42 11.83 2.08
CA ALA B 125 2.52 11.89 3.01
C ALA B 125 3.11 13.29 2.94
N VAL B 126 3.30 13.78 1.71
CA VAL B 126 3.88 15.11 1.51
C VAL B 126 3.00 16.21 2.07
N TYR B 127 1.70 16.14 1.81
CA TYR B 127 0.80 17.15 2.33
C TYR B 127 0.90 17.17 3.85
N THR B 128 0.84 15.98 4.45
CA THR B 128 0.92 15.82 5.91
C THR B 128 2.22 16.35 6.50
N ALA B 129 3.27 16.40 5.69
CA ALA B 129 4.58 16.86 6.14
C ALA B 129 4.86 18.34 5.93
N LEU B 130 4.41 18.87 4.80
CA LEU B 130 4.67 20.26 4.46
C LEU B 130 3.51 21.24 4.62
N VAL B 131 2.29 20.74 4.46
CA VAL B 131 1.12 21.60 4.55
C VAL B 131 0.55 21.69 5.96
N GLU B 132 0.08 20.55 6.46
CA GLU B 132 -0.52 20.44 7.79
C GLU B 132 -2.01 20.72 7.73
N PRO B 133 -2.75 20.19 8.69
CA PRO B 133 -4.21 20.37 8.75
C PRO B 133 -4.71 21.75 8.35
N HIS B 134 -5.57 21.76 7.33
CA HIS B 134 -6.19 22.97 6.81
C HIS B 134 -5.27 23.90 6.03
N GLY B 135 -4.03 23.47 5.81
CA GLY B 135 -3.10 24.28 5.04
C GLY B 135 -3.67 24.38 3.64
N ARG B 136 -3.38 25.46 2.93
CA ARG B 136 -3.94 25.59 1.59
C ARG B 136 -3.11 24.94 0.49
N ILE B 137 -3.82 24.32 -0.45
CA ILE B 137 -3.19 23.63 -1.57
C ILE B 137 -3.92 23.93 -2.86
N MET B 138 -3.15 24.14 -3.94
CA MET B 138 -3.73 24.44 -5.24
C MET B 138 -3.27 23.41 -6.27
N GLY B 139 -4.20 22.97 -7.11
CA GLY B 139 -3.84 21.99 -8.11
C GLY B 139 -4.75 22.09 -9.32
N LEU B 140 -4.39 21.39 -10.39
CA LEU B 140 -5.19 21.41 -11.61
C LEU B 140 -6.61 20.88 -11.33
N ASP B 141 -7.61 21.66 -11.73
CA ASP B 141 -8.99 21.29 -11.52
C ASP B 141 -9.29 20.00 -12.25
N LEU B 142 -9.94 19.05 -11.59
CA LEU B 142 -10.25 17.76 -12.20
C LEU B 142 -10.77 17.78 -13.63
N PRO B 143 -11.94 18.41 -13.87
CA PRO B 143 -12.47 18.43 -15.24
C PRO B 143 -11.52 19.02 -16.28
N ASP B 144 -10.44 19.64 -15.82
CA ASP B 144 -9.45 20.23 -16.73
C ASP B 144 -8.26 19.27 -16.87
N GLY B 145 -8.34 18.14 -16.18
CA GLY B 145 -7.29 17.14 -16.26
C GLY B 145 -6.44 16.89 -15.01
N GLY B 146 -6.94 17.30 -13.85
CA GLY B 146 -6.19 17.09 -12.62
C GLY B 146 -6.51 15.78 -11.93
N HIS B 147 -5.79 15.48 -10.85
CA HIS B 147 -6.03 14.24 -10.13
C HIS B 147 -6.72 14.48 -8.78
N LEU B 148 -7.57 13.54 -8.35
CA LEU B 148 -8.27 13.64 -7.08
C LEU B 148 -7.35 14.11 -5.97
N THR B 149 -6.23 13.40 -5.81
CA THR B 149 -5.26 13.70 -4.77
C THR B 149 -4.73 15.13 -4.78
N HIS B 150 -5.06 15.89 -5.82
CA HIS B 150 -4.63 17.29 -5.96
C HIS B 150 -5.76 18.18 -5.50
N GLY B 151 -6.83 17.53 -5.04
CA GLY B 151 -7.98 18.28 -4.56
C GLY B 151 -9.24 17.95 -5.31
N PHE B 152 -10.33 17.75 -4.57
CA PHE B 152 -11.60 17.44 -5.21
C PHE B 152 -12.78 17.65 -4.26
N MET B 153 -13.50 18.76 -4.46
CA MET B 153 -14.65 19.08 -3.63
C MET B 153 -15.68 19.84 -4.44
N THR B 154 -16.90 19.93 -3.91
CA THR B 154 -17.97 20.66 -4.57
C THR B 154 -18.31 21.82 -3.66
N ASP B 155 -19.39 22.53 -3.96
CA ASP B 155 -19.81 23.66 -3.16
C ASP B 155 -20.46 23.17 -1.87
N LYS B 156 -20.72 21.87 -1.79
CA LYS B 156 -21.37 21.32 -0.61
C LYS B 156 -20.65 20.19 0.12
N LYS B 157 -19.64 19.59 -0.50
CA LYS B 157 -18.93 18.49 0.16
C LYS B 157 -17.47 18.34 -0.26
N LYS B 158 -16.64 17.89 0.67
CA LYS B 158 -15.21 17.67 0.41
C LYS B 158 -15.09 16.16 0.23
N ILE B 159 -14.79 15.71 -0.99
CA ILE B 159 -14.67 14.28 -1.29
C ILE B 159 -13.31 13.65 -1.11
N SER B 160 -12.30 14.24 -1.74
CA SER B 160 -10.94 13.73 -1.64
C SER B 160 -10.33 13.91 -0.24
N ALA B 161 -9.49 12.96 0.17
CA ALA B 161 -8.86 13.06 1.48
C ALA B 161 -8.13 14.40 1.55
N THR B 162 -7.50 14.77 0.44
CA THR B 162 -6.78 16.03 0.35
C THR B 162 -7.71 17.18 0.66
N SER B 163 -8.88 17.19 0.04
CA SER B 163 -9.86 18.25 0.25
C SER B 163 -10.59 18.19 1.59
N ILE B 164 -10.31 17.17 2.40
CA ILE B 164 -10.97 17.05 3.69
C ILE B 164 -10.08 17.56 4.82
N PHE B 165 -8.86 17.06 4.86
CA PHE B 165 -7.94 17.44 5.90
C PHE B 165 -7.17 18.72 5.57
N PHE B 166 -7.28 19.17 4.32
CA PHE B 166 -6.60 20.38 3.90
C PHE B 166 -7.60 21.29 3.17
N GLU B 167 -7.17 22.51 2.84
CA GLU B 167 -8.02 23.48 2.15
C GLU B 167 -7.53 23.64 0.72
N SER B 168 -8.26 23.02 -0.21
CA SER B 168 -7.88 23.04 -1.61
C SER B 168 -8.73 23.92 -2.52
N MET B 169 -8.05 24.51 -3.50
CA MET B 169 -8.69 25.35 -4.51
C MET B 169 -7.91 25.10 -5.79
N ALA B 170 -8.61 24.68 -6.82
CA ALA B 170 -7.97 24.37 -8.08
C ALA B 170 -7.84 25.56 -9.03
N TYR B 171 -6.98 25.39 -10.02
CA TYR B 171 -6.80 26.40 -11.05
C TYR B 171 -7.20 25.68 -12.32
N LYS B 172 -7.76 26.41 -13.26
CA LYS B 172 -8.21 25.82 -14.51
C LYS B 172 -7.28 26.08 -15.69
N VAL B 173 -7.72 25.62 -16.85
CA VAL B 173 -6.98 25.79 -18.08
C VAL B 173 -7.84 26.64 -18.99
N ASN B 174 -7.19 27.34 -19.91
CA ASN B 174 -7.91 28.16 -20.88
C ASN B 174 -8.78 27.20 -21.69
N PRO B 175 -10.11 27.37 -21.66
CA PRO B 175 -10.99 26.47 -22.41
C PRO B 175 -10.92 26.63 -23.92
N ASP B 176 -10.09 27.54 -24.43
CA ASP B 176 -9.99 27.74 -25.87
C ASP B 176 -8.66 27.29 -26.43
N THR B 177 -7.73 26.96 -25.54
CA THR B 177 -6.41 26.52 -25.96
C THR B 177 -6.11 25.17 -25.31
N GLY B 178 -6.91 24.83 -24.31
CA GLY B 178 -6.71 23.59 -23.59
C GLY B 178 -5.48 23.63 -22.71
N TYR B 179 -4.83 24.78 -22.68
CA TYR B 179 -3.63 24.95 -21.86
C TYR B 179 -3.92 25.55 -20.50
N ILE B 180 -3.03 25.29 -19.56
CA ILE B 180 -3.16 25.81 -18.21
C ILE B 180 -3.03 27.33 -18.25
N ASP B 181 -4.00 28.03 -17.67
CA ASP B 181 -3.95 29.47 -17.66
C ASP B 181 -3.04 29.87 -16.50
N TYR B 182 -1.76 30.04 -16.79
CA TYR B 182 -0.81 30.41 -15.75
C TYR B 182 -1.02 31.82 -15.22
N ASP B 183 -1.51 32.71 -16.08
CA ASP B 183 -1.74 34.09 -15.66
C ASP B 183 -2.79 34.17 -14.54
N ARG B 184 -3.89 33.46 -14.74
CA ARG B 184 -4.96 33.47 -13.75
C ARG B 184 -4.49 32.83 -12.45
N LEU B 185 -3.70 31.76 -12.57
CA LEU B 185 -3.18 31.09 -11.39
C LEU B 185 -2.28 32.03 -10.58
N GLU B 186 -1.39 32.72 -11.30
CA GLU B 186 -0.47 33.66 -10.68
C GLU B 186 -1.23 34.71 -9.89
N GLU B 187 -2.35 35.15 -10.45
CA GLU B 187 -3.20 36.15 -9.82
C GLU B 187 -3.89 35.58 -8.58
N ASN B 188 -4.58 34.46 -8.76
CA ASN B 188 -5.30 33.84 -7.65
C ASN B 188 -4.45 33.42 -6.47
N ALA B 189 -3.20 33.06 -6.72
CA ALA B 189 -2.33 32.64 -5.63
C ALA B 189 -2.14 33.76 -4.59
N ARG B 190 -2.18 35.00 -5.04
CA ARG B 190 -2.02 36.15 -4.16
C ARG B 190 -3.22 36.35 -3.25
N LEU B 191 -4.35 35.76 -3.65
CA LEU B 191 -5.58 35.86 -2.88
C LEU B 191 -5.78 34.64 -2.00
N PHE B 192 -5.38 33.47 -2.51
CA PHE B 192 -5.54 32.22 -1.80
C PHE B 192 -4.42 31.88 -0.82
N HIS B 193 -3.21 32.37 -1.11
CA HIS B 193 -2.06 32.12 -0.26
C HIS B 193 -1.80 30.64 -0.07
N PRO B 194 -1.57 29.91 -1.16
CA PRO B 194 -1.32 28.48 -1.02
C PRO B 194 -0.02 28.20 -0.28
N LYS B 195 0.00 27.11 0.47
CA LYS B 195 1.19 26.72 1.17
C LYS B 195 1.92 25.76 0.24
N LEU B 196 1.17 25.22 -0.72
CA LEU B 196 1.74 24.29 -1.70
C LEU B 196 0.95 24.20 -3.00
N ILE B 197 1.67 24.33 -4.12
CA ILE B 197 1.07 24.27 -5.44
C ILE B 197 1.53 22.98 -6.11
N ILE B 198 0.58 22.27 -6.72
CA ILE B 198 0.88 21.00 -7.37
C ILE B 198 1.05 21.11 -8.88
N ALA B 199 2.09 20.47 -9.38
CA ALA B 199 2.40 20.45 -10.80
C ALA B 199 2.33 19.01 -11.21
N GLY B 200 1.18 18.60 -11.74
CA GLY B 200 1.01 17.22 -12.16
C GLY B 200 -0.36 17.04 -12.78
N THR B 201 -0.47 16.12 -13.73
CA THR B 201 -1.75 15.89 -14.41
C THR B 201 -2.11 14.43 -14.61
N SER B 202 -3.40 14.16 -14.74
CA SER B 202 -3.90 12.82 -14.96
C SER B 202 -4.32 12.67 -16.44
N CYS B 203 -4.64 13.79 -17.08
CA CYS B 203 -5.04 13.79 -18.48
C CYS B 203 -4.73 15.15 -19.12
N TYR B 204 -3.44 15.38 -19.40
CA TYR B 204 -2.99 16.63 -20.00
C TYR B 204 -1.85 16.27 -20.95
N SER B 205 -2.03 16.53 -22.24
CA SER B 205 -1.04 16.19 -23.25
C SER B 205 0.15 17.12 -23.43
N ARG B 206 0.29 18.13 -22.57
CA ARG B 206 1.41 19.07 -22.73
C ARG B 206 2.34 19.15 -21.53
N ASN B 207 3.55 19.60 -21.78
CA ASN B 207 4.53 19.75 -20.71
C ASN B 207 4.03 20.86 -19.79
N LEU B 208 4.46 20.85 -18.54
CA LEU B 208 4.04 21.87 -17.60
C LEU B 208 5.14 22.92 -17.49
N ASP B 209 4.76 24.18 -17.33
CA ASP B 209 5.75 25.23 -17.21
C ASP B 209 6.31 25.29 -15.79
N TYR B 210 7.11 24.28 -15.46
CA TYR B 210 7.71 24.20 -14.14
C TYR B 210 8.40 25.49 -13.78
N GLY B 211 9.09 26.09 -14.73
CA GLY B 211 9.79 27.33 -14.47
C GLY B 211 8.86 28.44 -14.03
N ARG B 212 7.70 28.53 -14.67
CA ARG B 212 6.73 29.55 -14.32
C ARG B 212 6.25 29.24 -12.92
N LEU B 213 5.72 28.03 -12.74
CA LEU B 213 5.20 27.61 -11.44
C LEU B 213 6.20 27.84 -10.31
N ARG B 214 7.48 27.81 -10.61
CA ARG B 214 8.45 28.05 -9.56
C ARG B 214 8.41 29.52 -9.16
N LYS B 215 8.27 30.42 -10.14
CA LYS B 215 8.20 31.85 -9.85
C LYS B 215 6.97 32.12 -8.99
N ILE B 216 5.83 31.51 -9.38
CA ILE B 216 4.58 31.67 -8.66
C ILE B 216 4.63 31.13 -7.24
N ALA B 217 5.30 30.00 -7.05
CA ALA B 217 5.43 29.40 -5.73
C ALA B 217 6.32 30.27 -4.83
N ASP B 218 7.50 30.63 -5.32
CA ASP B 218 8.39 31.46 -4.53
C ASP B 218 7.76 32.81 -4.22
N GLU B 219 6.94 33.34 -5.13
CA GLU B 219 6.30 34.62 -4.91
C GLU B 219 5.45 34.57 -3.66
N ASN B 220 4.74 33.46 -3.47
CA ASN B 220 3.88 33.30 -2.30
C ASN B 220 4.54 32.49 -1.20
N GLY B 221 5.84 32.23 -1.36
CA GLY B 221 6.58 31.47 -0.37
C GLY B 221 6.12 30.03 -0.19
N ALA B 222 5.39 29.55 -1.19
CA ALA B 222 4.86 28.19 -1.16
C ALA B 222 5.82 27.18 -1.76
N TYR B 223 5.52 25.91 -1.51
CA TYR B 223 6.32 24.81 -2.02
C TYR B 223 5.73 24.41 -3.36
N LEU B 224 6.61 23.98 -4.27
CA LEU B 224 6.18 23.54 -5.59
C LEU B 224 6.38 22.04 -5.69
N MET B 225 5.30 21.29 -5.60
CA MET B 225 5.37 19.84 -5.66
C MET B 225 4.92 19.35 -7.02
N ALA B 226 5.75 18.53 -7.63
CA ALA B 226 5.43 17.98 -8.92
C ALA B 226 4.93 16.55 -8.72
N ASP B 227 3.91 16.18 -9.48
CA ASP B 227 3.37 14.83 -9.41
C ASP B 227 3.53 14.27 -10.82
N MET B 228 4.62 13.56 -11.05
CA MET B 228 4.91 13.03 -12.37
C MET B 228 4.47 11.60 -12.57
N ALA B 229 3.44 11.18 -11.87
CA ALA B 229 2.97 9.81 -12.01
C ALA B 229 2.80 9.36 -13.47
N HIS B 230 2.25 10.22 -14.32
CA HIS B 230 2.03 9.84 -15.72
C HIS B 230 3.23 9.92 -16.65
N ILE B 231 4.21 10.76 -16.31
CA ILE B 231 5.36 10.94 -17.19
C ILE B 231 6.69 10.49 -16.58
N SER B 232 6.63 9.85 -15.42
CA SER B 232 7.82 9.40 -14.74
C SER B 232 8.82 8.67 -15.65
N GLY B 233 8.28 7.78 -16.49
CA GLY B 233 9.12 7.02 -17.41
C GLY B 233 9.70 7.91 -18.49
N LEU B 234 8.88 8.82 -19.00
CA LEU B 234 9.30 9.75 -20.03
C LEU B 234 10.44 10.61 -19.50
N VAL B 235 10.23 11.17 -18.32
CA VAL B 235 11.24 12.00 -17.71
C VAL B 235 12.60 11.30 -17.66
N VAL B 236 12.61 10.02 -17.32
CA VAL B 236 13.86 9.26 -17.23
C VAL B 236 14.60 9.13 -18.56
N ALA B 237 13.86 8.83 -19.63
CA ALA B 237 14.47 8.69 -20.94
C ALA B 237 14.86 10.03 -21.50
N GLY B 238 14.47 11.10 -20.81
CA GLY B 238 14.79 12.44 -21.28
C GLY B 238 13.96 12.82 -22.47
N VAL B 239 12.78 12.22 -22.62
CA VAL B 239 11.89 12.50 -23.74
C VAL B 239 10.98 13.71 -23.48
N VAL B 240 10.87 14.11 -22.22
CA VAL B 240 10.08 15.30 -21.84
C VAL B 240 10.91 16.02 -20.80
N PRO B 241 10.73 17.34 -20.69
CA PRO B 241 11.50 18.10 -19.71
C PRO B 241 11.36 17.53 -18.31
N SER B 242 12.46 17.46 -17.57
CA SER B 242 12.47 16.93 -16.21
C SER B 242 11.90 17.95 -15.21
N PRO B 243 11.06 17.51 -14.26
CA PRO B 243 10.48 18.43 -13.28
C PRO B 243 11.42 18.73 -12.13
N PHE B 244 12.55 18.05 -12.10
CA PHE B 244 13.51 18.24 -11.02
C PHE B 244 14.29 19.52 -11.16
N GLU B 245 14.14 20.20 -12.29
CA GLU B 245 14.89 21.41 -12.52
C GLU B 245 14.41 22.59 -11.68
N HIS B 246 13.11 22.70 -11.45
CA HIS B 246 12.57 23.82 -10.68
C HIS B 246 11.79 23.46 -9.42
N CYS B 247 11.35 22.21 -9.31
CA CYS B 247 10.55 21.78 -8.18
C CYS B 247 11.29 21.47 -6.87
N HIS B 248 10.56 21.60 -5.75
CA HIS B 248 11.14 21.32 -4.43
C HIS B 248 10.93 19.86 -4.10
N VAL B 249 9.85 19.31 -4.63
CA VAL B 249 9.50 17.93 -4.38
C VAL B 249 8.88 17.32 -5.62
N VAL B 250 9.12 16.04 -5.82
CA VAL B 250 8.55 15.32 -6.95
C VAL B 250 8.00 14.00 -6.44
N THR B 251 6.68 13.81 -6.53
CA THR B 251 6.11 12.55 -6.10
C THR B 251 5.80 11.79 -7.37
N THR B 252 5.73 10.47 -7.29
CA THR B 252 5.43 9.68 -8.45
C THR B 252 5.00 8.27 -8.09
N THR B 253 4.28 7.63 -9.01
CA THR B 253 3.85 6.26 -8.83
C THR B 253 5.04 5.56 -9.43
N THR B 254 5.11 4.24 -9.30
CA THR B 254 6.23 3.52 -9.87
C THR B 254 5.77 2.67 -11.02
N HIS B 255 4.46 2.62 -11.25
CA HIS B 255 3.92 1.87 -12.37
C HIS B 255 3.64 2.84 -13.52
N LYS B 256 2.57 2.61 -14.27
CA LYS B 256 2.27 3.50 -15.39
C LYS B 256 3.43 3.55 -16.39
N THR B 257 3.92 4.74 -16.71
CA THR B 257 5.01 4.86 -17.68
C THR B 257 6.39 4.46 -17.18
N LEU B 258 6.52 4.19 -15.88
CA LEU B 258 7.82 3.79 -15.34
C LEU B 258 7.86 2.27 -15.35
N ARG B 259 6.70 1.69 -15.60
CA ARG B 259 6.53 0.26 -15.73
C ARG B 259 7.02 -0.68 -14.64
N GLY B 260 6.76 -0.32 -13.38
CA GLY B 260 7.18 -1.18 -12.30
C GLY B 260 5.92 -1.69 -11.63
N CYS B 261 6.05 -2.20 -10.41
CA CYS B 261 4.90 -2.68 -9.68
C CYS B 261 4.22 -1.49 -9.01
N ARG B 262 3.04 -1.68 -8.47
CA ARG B 262 2.35 -0.57 -7.83
C ARG B 262 2.97 -0.14 -6.51
N ALA B 263 3.48 1.09 -6.49
CA ALA B 263 4.12 1.70 -5.32
C ALA B 263 4.31 3.17 -5.62
N GLY B 264 4.98 3.90 -4.74
CA GLY B 264 5.21 5.31 -4.98
C GLY B 264 6.48 5.81 -4.35
N MET B 265 7.01 6.95 -4.81
CA MET B 265 8.23 7.52 -4.24
C MET B 265 8.07 9.01 -4.01
N ILE B 266 8.87 9.55 -3.09
CA ILE B 266 8.82 10.96 -2.79
C ILE B 266 10.24 11.53 -2.85
N PHE B 267 10.50 12.33 -3.89
CA PHE B 267 11.80 12.96 -4.07
C PHE B 267 11.73 14.32 -3.40
N TYR B 268 12.78 14.69 -2.68
CA TYR B 268 12.82 15.97 -2.00
C TYR B 268 14.24 16.53 -2.04
N ARG B 269 14.34 17.85 -2.08
CA ARG B 269 15.63 18.54 -2.15
C ARG B 269 16.36 18.60 -0.81
N ARG B 270 17.68 18.80 -0.89
CA ARG B 270 18.55 18.89 0.28
C ARG B 270 19.56 20.01 0.04
N GLY B 271 19.85 20.77 1.10
CA GLY B 271 20.81 21.86 0.98
C GLY B 271 20.27 23.27 1.09
N VAL B 272 21.06 24.22 0.59
CA VAL B 272 20.69 25.63 0.63
C VAL B 272 19.52 25.90 -0.30
N ARG B 273 18.50 26.57 0.25
CA ARG B 273 17.32 26.89 -0.54
C ARG B 273 17.42 28.29 -1.11
N SER B 274 17.60 29.27 -0.22
CA SER B 274 17.69 30.66 -0.63
C SER B 274 18.64 31.48 0.24
N VAL B 275 19.32 32.43 -0.39
CA VAL B 275 20.28 33.29 0.29
C VAL B 275 19.63 34.51 0.96
N ASP B 276 20.32 35.65 0.89
CA ASP B 276 19.87 36.90 1.50
C ASP B 276 20.32 38.10 0.66
N LYS B 281 24.06 33.97 5.26
CA LYS B 281 22.90 34.71 4.79
C LYS B 281 21.90 33.76 4.13
N GLU B 282 22.20 32.46 4.14
CA GLU B 282 21.33 31.48 3.51
C GLU B 282 20.50 30.61 4.47
N ILE B 283 19.37 30.13 3.95
CA ILE B 283 18.47 29.26 4.69
C ILE B 283 18.46 27.89 4.02
N LEU B 284 18.30 26.83 4.80
CA LEU B 284 18.33 25.47 4.28
C LEU B 284 16.99 24.76 4.06
N TYR B 285 17.07 23.62 3.37
CA TYR B 285 15.91 22.78 3.09
C TYR B 285 15.71 21.85 4.27
N ASN B 286 14.48 21.80 4.77
CA ASN B 286 14.19 20.94 5.92
C ASN B 286 13.20 19.86 5.53
N LEU B 287 13.02 19.67 4.23
CA LEU B 287 12.08 18.69 3.70
C LEU B 287 12.32 17.25 4.12
N GLU B 288 13.58 16.82 4.06
CA GLU B 288 13.98 15.47 4.40
C GLU B 288 13.30 14.85 5.63
N SER B 289 13.65 15.34 6.83
CA SER B 289 13.06 14.82 8.06
C SER B 289 11.54 14.96 8.13
N LEU B 290 11.01 16.10 7.69
CA LEU B 290 9.56 16.31 7.69
C LEU B 290 8.86 15.20 6.94
N ILE B 291 9.29 15.00 5.71
CA ILE B 291 8.70 13.98 4.85
C ILE B 291 8.92 12.58 5.39
N ASN B 292 10.14 12.27 5.83
CA ASN B 292 10.37 10.93 6.35
C ASN B 292 9.53 10.64 7.59
N SER B 293 9.46 11.60 8.51
CA SER B 293 8.67 11.41 9.71
C SER B 293 7.19 11.26 9.39
N ALA B 294 6.71 11.96 8.34
CA ALA B 294 5.31 11.88 7.95
C ALA B 294 4.94 10.52 7.36
N VAL B 295 5.86 9.92 6.61
CA VAL B 295 5.59 8.61 6.04
C VAL B 295 5.55 7.65 7.21
N PHE B 296 6.55 7.77 8.08
CA PHE B 296 6.63 6.93 9.26
C PHE B 296 7.39 7.68 10.35
N PRO B 297 6.90 7.59 11.61
CA PRO B 297 5.73 6.87 12.12
C PRO B 297 4.43 7.63 11.88
N GLY B 298 4.47 8.60 10.97
CA GLY B 298 3.27 9.36 10.71
C GLY B 298 2.12 8.58 10.12
N LEU B 299 2.24 8.24 8.84
CA LEU B 299 1.16 7.58 8.14
C LEU B 299 1.17 6.07 7.93
N GLN B 300 2.34 5.48 7.71
CA GLN B 300 2.41 4.05 7.44
C GLN B 300 3.03 3.21 8.53
N GLY B 301 2.98 1.89 8.32
CA GLY B 301 3.55 0.96 9.27
C GLY B 301 4.75 0.30 8.64
N GLY B 302 4.81 -1.02 8.71
CA GLY B 302 5.93 -1.71 8.11
C GLY B 302 5.91 -1.57 6.61
N PRO B 303 7.06 -1.22 6.00
CA PRO B 303 7.09 -1.06 4.54
C PRO B 303 6.95 -2.40 3.81
N HIS B 304 6.38 -2.38 2.61
CA HIS B 304 6.23 -3.58 1.78
C HIS B 304 7.52 -3.77 1.00
N ASN B 305 8.51 -4.43 1.62
CA ASN B 305 9.80 -4.62 0.99
C ASN B 305 9.80 -5.33 -0.37
N HIS B 306 8.85 -6.23 -0.60
CA HIS B 306 8.80 -6.92 -1.87
C HIS B 306 8.47 -5.92 -2.96
N ALA B 307 7.61 -4.96 -2.64
CA ALA B 307 7.24 -3.94 -3.61
C ALA B 307 8.44 -3.02 -3.88
N ILE B 308 9.27 -2.83 -2.87
CA ILE B 308 10.44 -1.99 -3.01
C ILE B 308 11.49 -2.68 -3.88
N ALA B 309 11.57 -4.00 -3.78
CA ALA B 309 12.52 -4.75 -4.58
C ALA B 309 12.06 -4.64 -6.03
N GLY B 310 10.76 -4.76 -6.23
CA GLY B 310 10.22 -4.67 -7.58
C GLY B 310 10.48 -3.30 -8.18
N VAL B 311 10.47 -2.26 -7.35
CA VAL B 311 10.72 -0.92 -7.85
C VAL B 311 12.19 -0.83 -8.24
N ALA B 312 13.06 -1.32 -7.37
CA ALA B 312 14.49 -1.29 -7.63
C ALA B 312 14.78 -1.91 -9.00
N VAL B 313 14.17 -3.08 -9.23
CA VAL B 313 14.35 -3.79 -10.50
C VAL B 313 13.87 -2.92 -11.65
N ALA B 314 12.77 -2.23 -11.42
CA ALA B 314 12.21 -1.38 -12.45
C ALA B 314 13.14 -0.21 -12.74
N LEU B 315 13.80 0.31 -11.70
CA LEU B 315 14.70 1.43 -11.92
C LEU B 315 15.98 1.03 -12.65
N LYS B 316 16.43 -0.20 -12.45
CA LYS B 316 17.61 -0.67 -13.12
C LYS B 316 17.23 -0.74 -14.59
N GLN B 317 16.08 -1.34 -14.85
CA GLN B 317 15.58 -1.50 -16.21
C GLN B 317 15.31 -0.16 -16.85
N ALA B 318 14.90 0.81 -16.06
CA ALA B 318 14.59 2.14 -16.57
C ALA B 318 15.81 2.91 -17.07
N MET B 319 16.99 2.55 -16.56
CA MET B 319 18.21 3.23 -16.96
C MET B 319 18.89 2.59 -18.16
N THR B 320 18.28 1.55 -18.70
CA THR B 320 18.88 0.88 -19.85
C THR B 320 18.53 1.64 -21.13
N PRO B 321 19.38 1.49 -22.16
CA PRO B 321 19.09 2.18 -23.42
C PRO B 321 17.82 1.61 -24.05
N GLU B 322 17.56 0.33 -23.79
CA GLU B 322 16.38 -0.33 -24.30
C GLU B 322 15.11 0.38 -23.79
N PHE B 323 15.13 0.74 -22.52
CA PHE B 323 14.00 1.45 -21.94
C PHE B 323 13.99 2.81 -22.61
N LYS B 324 15.16 3.44 -22.62
CA LYS B 324 15.34 4.75 -23.22
C LYS B 324 14.67 4.76 -24.58
N GLU B 325 14.94 3.72 -25.37
CA GLU B 325 14.35 3.60 -26.71
C GLU B 325 12.86 3.36 -26.61
N TYR B 326 12.46 2.49 -25.70
CA TYR B 326 11.05 2.19 -25.50
C TYR B 326 10.25 3.49 -25.39
N GLN B 327 10.76 4.40 -24.57
CA GLN B 327 10.06 5.65 -24.36
C GLN B 327 9.98 6.49 -25.63
N ARG B 328 11.09 6.65 -26.35
CA ARG B 328 11.07 7.41 -27.60
C ARG B 328 9.94 6.86 -28.46
N GLN B 329 9.81 5.53 -28.48
CA GLN B 329 8.79 4.85 -29.26
C GLN B 329 7.40 5.21 -28.75
N VAL B 330 7.23 5.19 -27.44
CA VAL B 330 5.96 5.53 -26.83
C VAL B 330 5.46 6.86 -27.36
N VAL B 331 6.30 7.88 -27.26
CA VAL B 331 5.93 9.22 -27.71
C VAL B 331 5.65 9.32 -29.21
N ALA B 332 6.44 8.62 -30.01
CA ALA B 332 6.24 8.64 -31.44
C ALA B 332 4.96 7.94 -31.81
N ASN B 333 4.65 6.84 -31.12
CA ASN B 333 3.42 6.14 -31.41
C ASN B 333 2.28 7.13 -31.19
N CYS B 334 2.28 7.80 -30.04
CA CYS B 334 1.23 8.75 -29.72
C CYS B 334 1.02 9.75 -30.85
N ARG B 335 2.10 10.35 -31.33
CA ARG B 335 2.01 11.31 -32.42
C ARG B 335 1.32 10.72 -33.65
N ALA B 336 1.79 9.57 -34.12
CA ALA B 336 1.20 8.91 -35.28
C ALA B 336 -0.27 8.63 -35.02
N LEU B 337 -0.60 8.16 -33.82
CA LEU B 337 -1.98 7.87 -33.48
C LEU B 337 -2.79 9.15 -33.60
N SER B 338 -2.25 10.22 -33.03
CA SER B 338 -2.92 11.53 -33.05
C SER B 338 -3.11 12.02 -34.47
N ALA B 339 -2.07 11.88 -35.29
CA ALA B 339 -2.15 12.31 -36.67
C ALA B 339 -3.22 11.54 -37.42
N ALA B 340 -3.22 10.22 -37.24
CA ALA B 340 -4.18 9.35 -37.90
C ALA B 340 -5.62 9.70 -37.56
N LEU B 341 -5.85 10.05 -36.30
CA LEU B 341 -7.18 10.43 -35.87
C LEU B 341 -7.53 11.83 -36.37
N VAL B 342 -6.53 12.70 -36.48
CA VAL B 342 -6.79 14.05 -36.97
C VAL B 342 -7.27 13.90 -38.40
N GLU B 343 -6.53 13.11 -39.16
CA GLU B 343 -6.85 12.86 -40.56
C GLU B 343 -8.24 12.27 -40.70
N LEU B 344 -8.67 11.49 -39.70
CA LEU B 344 -10.00 10.90 -39.76
C LEU B 344 -11.03 11.93 -39.34
N GLY B 345 -10.58 13.16 -39.09
CA GLY B 345 -11.49 14.22 -38.72
C GLY B 345 -11.78 14.42 -37.24
N TYR B 346 -10.96 13.83 -36.38
CA TYR B 346 -11.17 14.01 -34.95
C TYR B 346 -10.45 15.22 -34.42
N LYS B 347 -11.01 15.82 -33.37
CA LYS B 347 -10.44 16.99 -32.74
C LYS B 347 -9.63 16.61 -31.50
N ILE B 348 -8.37 17.00 -31.48
CA ILE B 348 -7.48 16.71 -30.36
C ILE B 348 -7.28 17.94 -29.50
N VAL B 349 -7.58 17.84 -28.20
CA VAL B 349 -7.41 18.99 -27.32
C VAL B 349 -5.97 19.52 -27.39
N THR B 350 -5.85 20.84 -27.52
CA THR B 350 -4.56 21.54 -27.67
C THR B 350 -3.97 21.06 -28.98
N GLY B 351 -4.82 20.51 -29.83
CA GLY B 351 -4.42 20.04 -31.14
C GLY B 351 -3.38 18.94 -31.26
N GLY B 352 -2.73 18.57 -30.18
CA GLY B 352 -1.72 17.53 -30.26
C GLY B 352 -1.20 17.12 -28.89
N SER B 353 -0.02 16.53 -28.85
CA SER B 353 0.53 16.09 -27.58
C SER B 353 2.05 16.17 -27.55
N ASP B 354 2.61 16.23 -26.35
CA ASP B 354 4.06 16.28 -26.18
C ASP B 354 4.48 15.00 -25.48
N ASN B 355 3.50 14.14 -25.16
CA ASN B 355 3.83 12.92 -24.45
C ASN B 355 3.14 11.65 -24.94
N HIS B 356 2.77 10.82 -23.97
CA HIS B 356 2.16 9.51 -24.19
C HIS B 356 0.65 9.45 -24.36
N LEU B 357 -0.04 10.57 -24.28
CA LEU B 357 -1.50 10.54 -24.39
C LEU B 357 -2.14 11.70 -25.12
N ILE B 358 -3.39 11.52 -25.52
CA ILE B 358 -4.14 12.58 -26.17
C ILE B 358 -5.58 12.48 -25.72
N LEU B 359 -6.21 13.64 -25.62
CA LEU B 359 -7.61 13.74 -25.22
C LEU B 359 -8.39 14.01 -26.48
N VAL B 360 -9.12 13.02 -26.96
CA VAL B 360 -9.89 13.18 -28.19
C VAL B 360 -11.30 13.71 -27.92
N ASP B 361 -11.54 14.96 -28.33
CA ASP B 361 -12.83 15.62 -28.16
C ASP B 361 -13.83 15.07 -29.17
N LEU B 362 -14.66 14.14 -28.72
CA LEU B 362 -15.66 13.52 -29.58
C LEU B 362 -16.86 14.38 -30.00
N ARG B 363 -16.90 15.63 -29.54
CA ARG B 363 -17.99 16.51 -29.92
C ARG B 363 -17.97 16.63 -31.43
N SER B 364 -16.76 16.63 -31.99
CA SER B 364 -16.55 16.75 -33.42
C SER B 364 -17.07 15.55 -34.20
N LYS B 365 -17.85 14.68 -33.54
CA LYS B 365 -18.42 13.50 -34.18
C LYS B 365 -19.84 13.28 -33.69
N GLY B 366 -20.34 14.26 -32.94
CA GLY B 366 -21.69 14.18 -32.42
C GLY B 366 -21.98 13.16 -31.33
N THR B 367 -20.97 12.84 -30.51
CA THR B 367 -21.17 11.88 -29.44
C THR B 367 -20.31 12.28 -28.27
N ASP B 368 -20.29 11.45 -27.24
CA ASP B 368 -19.49 11.75 -26.06
C ASP B 368 -18.71 10.53 -25.60
N GLY B 369 -17.67 10.77 -24.80
CA GLY B 369 -16.85 9.69 -24.30
C GLY B 369 -17.59 8.69 -23.43
N GLY B 370 -18.63 9.18 -22.74
CA GLY B 370 -19.40 8.32 -21.88
C GLY B 370 -19.97 7.12 -22.61
N ARG B 371 -20.67 7.40 -23.72
CA ARG B 371 -21.26 6.33 -24.50
C ARG B 371 -20.15 5.60 -25.27
N ALA B 372 -19.21 6.37 -25.81
CA ALA B 372 -18.11 5.83 -26.60
C ALA B 372 -17.17 4.88 -25.87
N GLU B 373 -16.83 5.17 -24.62
CA GLU B 373 -15.92 4.29 -23.92
C GLU B 373 -16.51 2.89 -23.77
N LYS B 374 -17.80 2.83 -23.47
CA LYS B 374 -18.48 1.55 -23.29
C LYS B 374 -18.60 0.76 -24.58
N VAL B 375 -18.86 1.41 -25.70
CA VAL B 375 -18.95 0.67 -26.95
C VAL B 375 -17.56 0.14 -27.33
N LEU B 376 -16.55 1.00 -27.30
CA LEU B 376 -15.19 0.58 -27.63
C LEU B 376 -14.77 -0.59 -26.74
N GLU B 377 -15.20 -0.56 -25.48
CA GLU B 377 -14.89 -1.62 -24.52
C GLU B 377 -15.44 -2.96 -25.00
N ALA B 378 -16.69 -2.95 -25.44
CA ALA B 378 -17.33 -4.17 -25.92
C ALA B 378 -16.56 -4.73 -27.11
N CYS B 379 -15.81 -3.87 -27.79
CA CYS B 379 -15.01 -4.28 -28.92
C CYS B 379 -13.59 -4.64 -28.50
N SER B 380 -13.37 -4.67 -27.18
CA SER B 380 -12.09 -5.02 -26.58
C SER B 380 -11.02 -3.96 -26.77
N ILE B 381 -11.47 -2.73 -27.01
CA ILE B 381 -10.57 -1.59 -27.15
C ILE B 381 -10.71 -0.84 -25.84
N ALA B 382 -9.72 -0.97 -24.97
CA ALA B 382 -9.76 -0.32 -23.66
C ALA B 382 -9.30 1.14 -23.62
N CYS B 383 -10.13 1.98 -23.04
CA CYS B 383 -9.82 3.40 -22.87
C CYS B 383 -10.87 3.99 -21.94
N ASN B 384 -10.82 5.30 -21.69
CA ASN B 384 -11.80 5.92 -20.81
C ASN B 384 -12.20 7.35 -21.20
N LYS B 385 -13.37 7.74 -20.72
CA LYS B 385 -13.91 9.07 -20.99
C LYS B 385 -13.21 10.08 -20.12
N ASN B 386 -13.40 11.35 -20.45
CA ASN B 386 -12.82 12.44 -19.69
C ASN B 386 -13.25 13.75 -20.32
N THR B 387 -13.85 14.61 -19.52
CA THR B 387 -14.34 15.89 -19.99
C THR B 387 -13.25 16.71 -20.67
N CYS B 388 -13.65 17.50 -21.65
CA CYS B 388 -12.73 18.38 -22.37
C CYS B 388 -12.91 19.77 -21.78
N PRO B 389 -11.87 20.61 -21.87
CA PRO B 389 -11.94 21.98 -21.33
C PRO B 389 -13.29 22.66 -21.51
N GLY B 390 -13.86 22.55 -22.71
CA GLY B 390 -15.15 23.16 -22.98
C GLY B 390 -16.28 22.63 -22.11
N ASP B 391 -16.73 21.41 -22.42
CA ASP B 391 -17.80 20.72 -21.70
C ASP B 391 -18.57 21.50 -20.64
N LYS B 392 -19.87 21.65 -20.86
CA LYS B 392 -20.75 22.35 -19.93
C LYS B 392 -21.26 21.40 -18.84
N SER B 393 -21.42 20.14 -19.20
CA SER B 393 -21.92 19.14 -18.27
C SER B 393 -20.87 18.07 -17.98
N ALA B 394 -20.72 17.71 -16.71
CA ALA B 394 -19.76 16.69 -16.33
C ALA B 394 -20.41 15.31 -16.45
N LEU B 395 -21.71 15.30 -16.76
CA LEU B 395 -22.47 14.06 -16.91
C LEU B 395 -22.63 13.70 -18.39
N ARG B 396 -21.64 14.08 -19.19
CA ARG B 396 -21.67 13.82 -20.62
C ARG B 396 -20.35 14.36 -21.17
N PRO B 397 -19.22 13.84 -20.67
CA PRO B 397 -17.89 14.27 -21.10
C PRO B 397 -17.69 14.09 -22.59
N SER B 398 -17.10 15.10 -23.22
CA SER B 398 -16.86 15.07 -24.65
C SER B 398 -15.69 14.21 -25.05
N GLY B 399 -14.69 14.10 -24.18
CA GLY B 399 -13.52 13.35 -24.57
C GLY B 399 -13.26 11.90 -24.17
N LEU B 400 -12.30 11.34 -24.88
CA LEU B 400 -11.80 10.00 -24.68
C LEU B 400 -10.30 10.21 -24.50
N ARG B 401 -9.71 9.52 -23.53
CA ARG B 401 -8.29 9.66 -23.30
C ARG B 401 -7.65 8.42 -23.87
N LEU B 402 -6.54 8.59 -24.58
CA LEU B 402 -5.83 7.48 -25.20
C LEU B 402 -4.36 7.61 -24.87
N GLY B 403 -3.77 6.52 -24.41
CA GLY B 403 -2.37 6.50 -24.07
C GLY B 403 -1.70 5.37 -24.83
N THR B 404 -0.39 5.49 -25.05
CA THR B 404 0.32 4.47 -25.80
C THR B 404 1.32 3.63 -25.01
N PRO B 405 1.55 3.95 -23.74
CA PRO B 405 2.51 3.13 -23.00
C PRO B 405 2.30 1.62 -23.10
N ALA B 406 1.13 1.14 -22.71
CA ALA B 406 0.81 -0.28 -22.73
C ALA B 406 1.06 -0.98 -24.07
N LEU B 407 0.34 -0.57 -25.10
CA LEU B 407 0.51 -1.19 -26.40
C LEU B 407 1.94 -1.11 -26.93
N THR B 408 2.66 -0.05 -26.58
CA THR B 408 4.04 0.07 -27.05
C THR B 408 4.90 -1.00 -26.40
N SER B 409 4.64 -1.30 -25.14
CA SER B 409 5.42 -2.33 -24.45
C SER B 409 5.18 -3.69 -25.08
N ARG B 410 4.20 -3.77 -25.97
CA ARG B 410 3.89 -5.01 -26.64
C ARG B 410 4.58 -5.00 -28.00
N GLY B 411 5.16 -3.86 -28.37
CA GLY B 411 5.87 -3.78 -29.63
C GLY B 411 5.25 -2.99 -30.76
N LEU B 412 4.03 -2.48 -30.58
CA LEU B 412 3.35 -1.72 -31.63
C LEU B 412 4.22 -0.52 -32.08
N LEU B 413 4.19 -0.23 -33.38
CA LEU B 413 4.93 0.90 -33.93
C LEU B 413 3.95 1.80 -34.68
N GLU B 414 4.46 2.88 -35.26
CA GLU B 414 3.60 3.81 -35.99
C GLU B 414 2.57 3.11 -36.89
N LYS B 415 3.02 2.21 -37.78
CA LYS B 415 2.09 1.51 -38.66
C LYS B 415 1.00 0.82 -37.86
N ASP B 416 1.39 0.16 -36.79
CA ASP B 416 0.44 -0.56 -35.96
C ASP B 416 -0.63 0.34 -35.38
N PHE B 417 -0.22 1.48 -34.84
CA PHE B 417 -1.16 2.43 -34.25
C PHE B 417 -2.13 3.01 -35.26
N GLN B 418 -1.68 3.20 -36.49
CA GLN B 418 -2.55 3.75 -37.50
C GLN B 418 -3.73 2.79 -37.67
N LYS B 419 -3.44 1.49 -37.60
CA LYS B 419 -4.50 0.51 -37.75
C LYS B 419 -5.40 0.63 -36.53
N VAL B 420 -4.78 0.84 -35.36
CA VAL B 420 -5.53 0.99 -34.10
C VAL B 420 -6.49 2.16 -34.24
N ALA B 421 -5.96 3.29 -34.69
CA ALA B 421 -6.81 4.46 -34.88
C ALA B 421 -8.04 4.09 -35.68
N HIS B 422 -7.85 3.32 -36.75
CA HIS B 422 -8.98 2.91 -37.59
C HIS B 422 -9.98 2.08 -36.79
N PHE B 423 -9.47 1.18 -35.96
CA PHE B 423 -10.37 0.38 -35.14
C PHE B 423 -11.18 1.27 -34.20
N ILE B 424 -10.53 2.25 -33.58
CA ILE B 424 -11.24 3.15 -32.68
C ILE B 424 -12.29 3.95 -33.44
N HIS B 425 -11.93 4.38 -34.64
CA HIS B 425 -12.86 5.13 -35.47
C HIS B 425 -14.09 4.26 -35.80
N ARG B 426 -13.86 3.01 -36.20
CA ARG B 426 -14.94 2.09 -36.51
C ARG B 426 -15.86 2.08 -35.31
N GLY B 427 -15.25 2.11 -34.12
CA GLY B 427 -16.01 2.10 -32.89
C GLY B 427 -16.87 3.34 -32.70
N ILE B 428 -16.26 4.52 -32.85
CA ILE B 428 -16.97 5.79 -32.69
C ILE B 428 -18.16 5.80 -33.64
N GLU B 429 -17.99 5.27 -34.84
CA GLU B 429 -19.08 5.22 -35.81
C GLU B 429 -20.19 4.36 -35.26
N LEU B 430 -19.84 3.18 -34.72
CA LEU B 430 -20.82 2.28 -34.14
C LEU B 430 -21.55 2.99 -33.02
N THR B 431 -20.78 3.57 -32.11
CA THR B 431 -21.32 4.30 -30.97
C THR B 431 -22.35 5.33 -31.45
N VAL B 432 -22.01 6.03 -32.52
CA VAL B 432 -22.93 7.03 -33.06
C VAL B 432 -24.19 6.37 -33.61
N GLN B 433 -24.03 5.27 -34.34
CA GLN B 433 -25.16 4.55 -34.91
C GLN B 433 -26.20 4.23 -33.86
N ILE B 434 -25.73 3.71 -32.72
CA ILE B 434 -26.59 3.37 -31.60
C ILE B 434 -27.29 4.59 -30.97
N GLN B 435 -26.51 5.65 -30.71
CA GLN B 435 -27.03 6.86 -30.06
C GLN B 435 -28.20 7.53 -30.77
N ASP B 436 -28.18 7.52 -32.10
CA ASP B 436 -29.25 8.13 -32.90
C ASP B 436 -30.44 7.20 -32.87
N ASP B 437 -30.17 5.97 -32.47
CA ASP B 437 -31.16 4.90 -32.37
C ASP B 437 -31.82 4.93 -30.98
N THR B 438 -31.50 5.94 -30.17
CA THR B 438 -32.07 6.03 -28.82
C THR B 438 -32.88 7.27 -28.52
N GLY B 439 -32.39 8.42 -28.93
CA GLY B 439 -33.13 9.64 -28.64
C GLY B 439 -32.28 10.72 -27.98
N PRO B 440 -32.67 11.99 -28.15
CA PRO B 440 -31.96 13.14 -27.60
C PRO B 440 -31.95 13.17 -26.07
N ARG B 441 -33.04 12.71 -25.48
CA ARG B 441 -33.12 12.71 -24.04
C ARG B 441 -33.12 11.32 -23.45
N ALA B 442 -32.16 10.51 -23.88
CA ALA B 442 -32.04 9.16 -23.37
C ALA B 442 -30.90 9.14 -22.36
N THR B 443 -30.98 8.22 -21.41
CA THR B 443 -29.94 8.12 -20.38
C THR B 443 -28.83 7.15 -20.74
N LEU B 444 -27.71 7.24 -20.01
CA LEU B 444 -26.59 6.34 -20.25
C LEU B 444 -27.01 4.92 -19.89
N LYS B 445 -27.93 4.81 -18.93
CA LYS B 445 -28.43 3.51 -18.52
C LYS B 445 -29.14 2.87 -19.71
N GLU B 446 -30.04 3.62 -20.34
CA GLU B 446 -30.78 3.12 -21.50
C GLU B 446 -29.83 2.84 -22.66
N PHE B 447 -28.96 3.81 -22.92
CA PHE B 447 -27.99 3.67 -23.98
C PHE B 447 -27.29 2.33 -23.83
N LYS B 448 -26.69 2.11 -22.65
CA LYS B 448 -25.99 0.86 -22.34
C LYS B 448 -26.88 -0.36 -22.52
N GLU B 449 -28.14 -0.22 -22.13
CA GLU B 449 -29.11 -1.29 -22.22
C GLU B 449 -29.51 -1.57 -23.68
N LYS B 450 -29.51 -0.52 -24.51
CA LYS B 450 -29.86 -0.71 -25.91
C LYS B 450 -28.72 -1.50 -26.55
N LEU B 451 -27.50 -1.24 -26.09
CA LEU B 451 -26.31 -1.92 -26.59
C LEU B 451 -26.22 -3.39 -26.13
N ALA B 452 -26.94 -3.73 -25.08
CA ALA B 452 -26.89 -5.08 -24.57
C ALA B 452 -27.97 -5.99 -25.15
N GLY B 453 -29.18 -5.47 -25.30
CA GLY B 453 -30.25 -6.29 -25.82
C GLY B 453 -30.77 -5.94 -27.20
N ASP B 454 -29.86 -5.80 -28.17
CA ASP B 454 -30.23 -5.47 -29.55
C ASP B 454 -29.26 -6.17 -30.50
N GLU B 455 -29.63 -7.38 -30.90
CA GLU B 455 -28.79 -8.18 -31.79
C GLU B 455 -28.22 -7.34 -32.93
N LYS B 456 -29.00 -6.39 -33.40
CA LYS B 456 -28.57 -5.50 -34.49
C LYS B 456 -27.17 -4.95 -34.24
N HIS B 457 -27.00 -4.27 -33.10
CA HIS B 457 -25.73 -3.65 -32.73
C HIS B 457 -24.76 -4.67 -32.19
N GLN B 458 -25.31 -5.58 -31.40
CA GLN B 458 -24.52 -6.62 -30.77
C GLN B 458 -23.72 -7.43 -31.79
N ARG B 459 -24.27 -7.56 -32.99
CA ARG B 459 -23.64 -8.27 -34.08
C ARG B 459 -22.44 -7.48 -34.58
N ALA B 460 -22.64 -6.18 -34.75
CA ALA B 460 -21.60 -5.28 -35.19
C ALA B 460 -20.44 -5.37 -34.22
N VAL B 461 -20.77 -5.28 -32.94
CA VAL B 461 -19.77 -5.36 -31.88
C VAL B 461 -18.93 -6.62 -32.05
N ARG B 462 -19.59 -7.75 -32.19
CA ARG B 462 -18.94 -9.04 -32.35
C ARG B 462 -17.94 -9.00 -33.50
N ALA B 463 -18.36 -8.40 -34.60
CA ALA B 463 -17.52 -8.31 -35.79
C ALA B 463 -16.22 -7.56 -35.52
N LEU B 464 -16.33 -6.39 -34.90
CA LEU B 464 -15.17 -5.56 -34.61
C LEU B 464 -14.33 -6.13 -33.47
N ARG B 465 -15.01 -6.76 -32.52
CA ARG B 465 -14.32 -7.37 -31.40
C ARG B 465 -13.40 -8.43 -31.98
N GLN B 466 -13.94 -9.19 -32.93
CA GLN B 466 -13.19 -10.25 -33.57
C GLN B 466 -11.94 -9.67 -34.21
N GLU B 467 -12.10 -8.61 -35.00
CA GLU B 467 -10.94 -8.01 -35.65
C GLU B 467 -9.94 -7.44 -34.65
N VAL B 468 -10.48 -6.76 -33.64
CA VAL B 468 -9.63 -6.18 -32.62
C VAL B 468 -8.80 -7.26 -31.96
N GLU B 469 -9.46 -8.32 -31.51
CA GLU B 469 -8.76 -9.42 -30.83
C GLU B 469 -7.80 -10.23 -31.68
N SER B 470 -8.04 -10.28 -32.99
CA SER B 470 -7.13 -11.03 -33.86
C SER B 470 -5.83 -10.24 -33.94
N PHE B 471 -5.95 -8.96 -34.24
CA PHE B 471 -4.80 -8.07 -34.34
C PHE B 471 -3.96 -8.10 -33.07
N ALA B 472 -4.62 -7.94 -31.92
CA ALA B 472 -3.92 -7.94 -30.65
C ALA B 472 -3.10 -9.21 -30.44
N ALA B 473 -3.65 -10.34 -30.87
CA ALA B 473 -2.99 -11.64 -30.72
C ALA B 473 -1.62 -11.65 -31.40
N LEU B 474 -1.44 -10.78 -32.39
CA LEU B 474 -0.18 -10.68 -33.14
C LEU B 474 1.01 -10.28 -32.28
N PHE B 475 0.74 -9.60 -31.16
CA PHE B 475 1.82 -9.14 -30.28
C PHE B 475 1.94 -9.94 -29.00
N PRO B 476 3.14 -9.96 -28.43
CA PRO B 476 3.37 -10.70 -27.19
C PRO B 476 2.82 -9.95 -25.97
N LEU B 477 2.74 -10.66 -24.84
CA LEU B 477 2.21 -10.07 -23.61
C LEU B 477 3.20 -10.22 -22.47
N PRO B 478 3.95 -9.16 -22.17
CA PRO B 478 4.95 -9.17 -21.09
C PRO B 478 4.42 -9.82 -19.81
N GLY B 479 5.33 -10.28 -18.97
CA GLY B 479 4.93 -10.93 -17.73
C GLY B 479 5.51 -12.32 -17.65
N LEU B 480 4.91 -13.18 -16.83
CA LEU B 480 5.38 -14.55 -16.67
C LEU B 480 4.76 -15.44 -17.76
N PRO B 481 5.28 -16.67 -17.94
CA PRO B 481 4.82 -17.65 -18.92
C PRO B 481 3.34 -18.07 -18.87
N GLY B 482 2.44 -17.12 -19.09
CA GLY B 482 1.02 -17.42 -19.06
C GLY B 482 0.37 -17.07 -17.73
N PHE B 483 1.04 -16.20 -16.97
CA PHE B 483 0.55 -15.79 -15.65
C PHE B 483 0.33 -14.28 -15.59
#